data_1NI6
#
_entry.id   1NI6
#
_cell.length_a   76.211
_cell.length_b   55.507
_cell.length_c   108.001
_cell.angle_alpha   90.00
_cell.angle_beta   98.88
_cell.angle_gamma   90.00
#
_symmetry.space_group_name_H-M   'P 1 21 1'
#
loop_
_entity.id
_entity.type
_entity.pdbx_description
1 polymer 'Heme oxygenase 1'
2 branched alpha-D-glucopyranose-(1-1)-alpha-D-glucopyranose
3 non-polymer 'CHLORIDE ION'
4 water water
#
_entity_poly.entity_id   1
_entity_poly.type   'polypeptide(L)'
_entity_poly.pdbx_seq_one_letter_code
;MERPQPDSMPQDLSEALKEATKEVHTQAENAEFMRNFQKGQVTRDGFKLVMASLYHIYVALEEEIERNKESPVFAPVYFP
EELHRKAALEQDLAFWYGPRWQEVIPYTPAMQRYVKRLHEVGRTEPELLVAHAYTRYLGDLSGGQVLKKIAQKALDLPSS
GEGLAFFTFPNIASATKFKQLYRSRMNSLEMTPAVRQRVIEEAKTAFLLNIQLFEELQELLTHD
;
_entity_poly.pdbx_strand_id   A,B,C,D
#
# COMPACT_ATOMS: atom_id res chain seq x y z
N PRO A 10 37.36 37.47 35.19
CA PRO A 10 37.56 38.12 36.50
C PRO A 10 38.39 37.24 37.44
N GLN A 11 39.30 37.86 38.19
CA GLN A 11 40.17 37.17 39.13
C GLN A 11 39.97 35.65 39.18
N ASP A 12 38.97 35.21 39.94
CA ASP A 12 38.68 33.80 40.08
C ASP A 12 38.57 33.05 38.74
N LEU A 13 39.31 31.97 38.63
CA LEU A 13 39.32 31.15 37.42
C LEU A 13 37.90 30.72 37.06
N SER A 14 37.13 30.33 38.07
CA SER A 14 35.76 29.89 37.86
C SER A 14 34.89 30.99 37.25
N GLU A 15 35.22 32.24 37.57
CA GLU A 15 34.46 33.37 37.04
C GLU A 15 34.89 33.72 35.63
N ALA A 16 36.19 33.68 35.39
CA ALA A 16 36.73 33.99 34.06
C ALA A 16 36.26 32.93 33.08
N LEU A 17 36.27 31.68 33.54
CA LEU A 17 35.86 30.57 32.70
C LEU A 17 34.40 30.73 32.28
N LYS A 18 33.54 31.08 33.22
CA LYS A 18 32.13 31.25 32.94
C LYS A 18 31.89 32.37 31.92
N GLU A 19 32.66 33.43 32.02
CA GLU A 19 32.49 34.55 31.11
C GLU A 19 32.90 34.24 29.68
N ALA A 20 34.05 33.61 29.51
CA ALA A 20 34.56 33.26 28.19
C ALA A 20 33.81 32.13 27.51
N THR A 21 33.12 31.30 28.29
CA THR A 21 32.38 30.18 27.71
C THR A 21 30.88 30.42 27.66
N LYS A 22 30.44 31.59 28.09
CA LYS A 22 29.01 31.89 28.10
C LYS A 22 28.41 31.65 26.72
N GLU A 23 29.13 32.07 25.68
CA GLU A 23 28.67 31.91 24.31
C GLU A 23 28.53 30.44 23.87
N VAL A 24 29.59 29.65 24.03
CA VAL A 24 29.52 28.25 23.64
C VAL A 24 28.65 27.42 24.57
N HIS A 25 28.53 27.85 25.82
CA HIS A 25 27.69 27.11 26.73
C HIS A 25 26.26 27.25 26.22
N THR A 26 25.91 28.47 25.81
CA THR A 26 24.57 28.74 25.29
C THR A 26 24.33 27.93 24.01
N GLN A 27 25.34 27.86 23.14
CA GLN A 27 25.20 27.10 21.90
C GLN A 27 25.00 25.61 22.21
N ALA A 28 25.59 25.15 23.30
CA ALA A 28 25.47 23.76 23.70
C ALA A 28 24.02 23.49 24.09
N GLU A 29 23.44 24.39 24.86
CA GLU A 29 22.05 24.19 25.27
C GLU A 29 21.09 24.44 24.13
N ASN A 30 21.45 25.32 23.19
CA ASN A 30 20.56 25.58 22.05
C ASN A 30 20.74 24.55 20.94
N ALA A 31 21.73 23.67 21.10
CA ALA A 31 21.96 22.63 20.12
C ALA A 31 20.63 21.87 20.06
N GLU A 32 20.17 21.55 18.86
CA GLU A 32 18.89 20.89 18.66
C GLU A 32 18.56 19.72 19.60
N PHE A 33 19.40 18.70 19.61
CA PHE A 33 19.19 17.53 20.46
C PHE A 33 19.01 17.89 21.93
N MET A 34 19.87 18.76 22.45
CA MET A 34 19.80 19.14 23.84
C MET A 34 18.59 20.03 24.08
N ARG A 35 18.38 20.95 23.14
CA ARG A 35 17.24 21.86 23.22
C ARG A 35 15.96 21.05 23.43
N ASN A 36 15.78 20.02 22.60
CA ASN A 36 14.60 19.15 22.70
C ASN A 36 14.53 18.39 24.01
N PHE A 37 15.66 17.83 24.44
CA PHE A 37 15.74 17.06 25.67
C PHE A 37 15.26 17.95 26.82
N GLN A 38 15.78 19.16 26.86
CA GLN A 38 15.45 20.12 27.89
C GLN A 38 13.96 20.53 27.84
N LYS A 39 13.38 20.51 26.65
CA LYS A 39 11.97 20.85 26.46
C LYS A 39 11.08 19.65 26.69
N GLY A 40 11.70 18.54 27.10
CA GLY A 40 10.94 17.32 27.34
C GLY A 40 10.79 16.48 26.09
N GLN A 41 11.44 16.91 25.01
CA GLN A 41 11.37 16.18 23.75
C GLN A 41 12.59 15.27 23.58
N VAL A 42 12.47 14.05 24.11
CA VAL A 42 13.55 13.06 24.02
C VAL A 42 12.89 11.70 23.86
N THR A 43 13.56 10.80 23.13
CA THR A 43 13.03 9.46 22.90
C THR A 43 13.93 8.45 23.56
N ARG A 44 13.45 7.21 23.68
CA ARG A 44 14.24 6.16 24.30
C ARG A 44 15.54 5.96 23.51
N ASP A 45 15.43 6.03 22.18
CA ASP A 45 16.60 5.85 21.34
C ASP A 45 17.59 6.98 21.57
N GLY A 46 17.08 8.20 21.67
CA GLY A 46 17.94 9.33 21.90
C GLY A 46 18.56 9.29 23.29
N PHE A 47 17.76 8.91 24.28
CA PHE A 47 18.25 8.85 25.65
C PHE A 47 19.30 7.75 25.79
N LYS A 48 19.10 6.66 25.09
CA LYS A 48 20.07 5.57 25.14
C LYS A 48 21.39 6.07 24.55
N LEU A 49 21.30 6.92 23.52
CA LEU A 49 22.51 7.46 22.87
C LEU A 49 23.27 8.41 23.80
N VAL A 50 22.56 9.22 24.58
CA VAL A 50 23.26 10.11 25.49
C VAL A 50 23.92 9.33 26.60
N MET A 51 23.23 8.31 27.11
CA MET A 51 23.79 7.49 28.17
C MET A 51 25.05 6.76 27.69
N ALA A 52 24.99 6.18 26.50
CA ALA A 52 26.15 5.49 25.95
C ALA A 52 27.26 6.51 25.78
N SER A 53 26.92 7.69 25.26
CA SER A 53 27.89 8.76 25.07
C SER A 53 28.57 9.09 26.41
N LEU A 54 27.78 9.35 27.44
CA LEU A 54 28.32 9.68 28.76
C LEU A 54 29.25 8.59 29.31
N TYR A 55 28.93 7.32 29.07
CA TYR A 55 29.77 6.23 29.54
C TYR A 55 31.18 6.35 28.94
N HIS A 56 31.25 6.48 27.62
CA HIS A 56 32.52 6.59 26.92
C HIS A 56 33.27 7.84 27.37
N ILE A 57 32.54 8.93 27.56
CA ILE A 57 33.18 10.18 28.00
C ILE A 57 33.77 10.03 29.39
N TYR A 58 32.95 9.52 30.32
CA TYR A 58 33.41 9.38 31.68
C TYR A 58 34.50 8.33 31.86
N VAL A 59 34.44 7.27 31.05
CA VAL A 59 35.46 6.24 31.11
C VAL A 59 36.81 6.88 30.81
N ALA A 60 36.86 7.62 29.70
CA ALA A 60 38.08 8.27 29.28
C ALA A 60 38.49 9.36 30.27
N LEU A 61 37.54 10.20 30.68
CA LEU A 61 37.85 11.28 31.63
C LEU A 61 38.39 10.73 32.96
N GLU A 62 37.71 9.74 33.53
CA GLU A 62 38.14 9.18 34.81
C GLU A 62 39.46 8.41 34.68
N GLU A 63 39.70 7.85 33.51
CA GLU A 63 40.93 7.12 33.27
C GLU A 63 42.09 8.12 33.34
N GLU A 64 41.89 9.28 32.72
CA GLU A 64 42.91 10.31 32.70
C GLU A 64 43.07 11.02 34.04
N ILE A 65 42.00 11.07 34.82
CA ILE A 65 42.06 11.68 36.12
C ILE A 65 42.94 10.82 37.02
N GLU A 66 42.74 9.51 36.97
CA GLU A 66 43.52 8.59 37.78
C GLU A 66 45.02 8.67 37.46
N ARG A 67 45.34 8.82 36.18
CA ARG A 67 46.73 8.93 35.76
C ARG A 67 47.36 10.23 36.25
N ASN A 68 46.54 11.26 36.45
CA ASN A 68 47.02 12.56 36.88
C ASN A 68 46.61 13.03 38.28
N LYS A 69 45.92 12.19 39.04
CA LYS A 69 45.44 12.57 40.37
C LYS A 69 46.48 13.11 41.34
N GLU A 70 47.75 12.78 41.12
CA GLU A 70 48.80 13.24 42.01
C GLU A 70 49.54 14.47 41.54
N SER A 71 49.28 14.90 40.30
CA SER A 71 49.93 16.08 39.77
C SER A 71 49.49 17.35 40.48
N PRO A 72 50.41 18.30 40.65
CA PRO A 72 50.10 19.57 41.33
C PRO A 72 49.01 20.32 40.59
N VAL A 73 48.86 20.03 39.31
CA VAL A 73 47.85 20.70 38.49
C VAL A 73 46.44 20.14 38.62
N PHE A 74 46.30 18.89 39.05
CA PHE A 74 44.95 18.31 39.18
C PHE A 74 44.54 17.91 40.60
N ALA A 75 45.50 17.51 41.43
CA ALA A 75 45.22 17.08 42.80
C ALA A 75 44.18 17.89 43.55
N PRO A 76 44.27 19.23 43.50
CA PRO A 76 43.27 20.04 44.21
C PRO A 76 41.81 19.72 43.86
N VAL A 77 41.53 19.36 42.61
CA VAL A 77 40.16 19.06 42.23
C VAL A 77 39.87 17.56 42.14
N TYR A 78 40.70 16.77 42.81
CA TYR A 78 40.54 15.32 42.82
C TYR A 78 39.62 14.88 43.96
N PHE A 79 38.39 14.50 43.60
CA PHE A 79 37.36 14.04 44.55
C PHE A 79 36.77 12.75 43.96
N PRO A 80 37.55 11.66 43.98
CA PRO A 80 37.10 10.36 43.46
C PRO A 80 35.79 9.80 44.00
N GLU A 81 35.64 9.77 45.31
CA GLU A 81 34.42 9.22 45.90
C GLU A 81 33.17 10.08 45.68
N GLU A 82 33.32 11.39 45.76
CA GLU A 82 32.20 12.29 45.55
C GLU A 82 31.68 12.34 44.11
N LEU A 83 32.58 12.22 43.13
CA LEU A 83 32.15 12.36 41.74
C LEU A 83 32.18 11.22 40.72
N HIS A 84 32.94 10.15 40.96
CA HIS A 84 33.01 9.10 39.96
C HIS A 84 31.63 8.69 39.45
N ARG A 85 31.53 8.60 38.13
CA ARG A 85 30.28 8.28 37.46
C ARG A 85 30.30 7.00 36.63
N LYS A 86 31.51 6.54 36.32
CA LYS A 86 31.68 5.34 35.51
C LYS A 86 30.87 4.16 36.03
N ALA A 87 31.00 3.85 37.31
CA ALA A 87 30.27 2.73 37.88
C ALA A 87 28.76 2.90 37.72
N ALA A 88 28.27 4.12 37.98
CA ALA A 88 26.85 4.41 37.86
C ALA A 88 26.36 4.19 36.44
N LEU A 89 27.15 4.64 35.47
CA LEU A 89 26.78 4.47 34.07
C LEU A 89 26.78 2.98 33.68
N GLU A 90 27.67 2.21 34.29
CA GLU A 90 27.72 0.79 34.02
C GLU A 90 26.40 0.16 34.45
N GLN A 91 25.92 0.52 35.63
CA GLN A 91 24.64 -0.01 36.10
C GLN A 91 23.53 0.43 35.13
N ASP A 92 23.55 1.69 34.74
CA ASP A 92 22.53 2.22 33.85
C ASP A 92 22.51 1.59 32.46
N LEU A 93 23.69 1.41 31.86
CA LEU A 93 23.75 0.82 30.53
C LEU A 93 23.28 -0.64 30.53
N ALA A 94 23.53 -1.35 31.63
CA ALA A 94 23.11 -2.74 31.75
C ALA A 94 21.57 -2.79 31.70
N PHE A 95 20.93 -1.73 32.16
CA PHE A 95 19.47 -1.65 32.15
C PHE A 95 18.95 -1.29 30.75
N TRP A 96 19.43 -0.18 30.21
CA TRP A 96 19.00 0.31 28.90
C TRP A 96 19.39 -0.57 27.71
N TYR A 97 20.52 -1.26 27.80
CA TYR A 97 20.98 -2.12 26.70
C TYR A 97 21.00 -3.61 27.01
N GLY A 98 20.64 -3.98 28.24
CA GLY A 98 20.61 -5.38 28.60
C GLY A 98 21.94 -5.90 29.12
N PRO A 99 22.00 -7.19 29.48
CA PRO A 99 23.18 -7.89 30.01
C PRO A 99 24.42 -7.82 29.12
N ARG A 100 24.22 -7.81 27.81
CA ARG A 100 25.34 -7.75 26.87
C ARG A 100 25.64 -6.34 26.36
N TRP A 101 25.27 -5.34 27.15
CA TRP A 101 25.49 -3.96 26.75
C TRP A 101 26.88 -3.63 26.22
N GLN A 102 27.93 -4.11 26.90
CA GLN A 102 29.31 -3.81 26.48
C GLN A 102 29.66 -4.18 25.05
N GLU A 103 28.87 -5.05 24.43
CA GLU A 103 29.14 -5.45 23.06
C GLU A 103 28.04 -4.97 22.14
N VAL A 104 27.15 -4.14 22.66
CA VAL A 104 26.03 -3.64 21.88
C VAL A 104 25.92 -2.10 21.85
N ILE A 105 26.36 -1.42 22.91
CA ILE A 105 26.26 0.04 22.91
C ILE A 105 27.04 0.64 21.76
N PRO A 106 26.50 1.72 21.17
CA PRO A 106 27.20 2.35 20.05
C PRO A 106 28.38 3.17 20.53
N TYR A 107 29.34 3.38 19.63
CA TYR A 107 30.51 4.17 19.90
C TYR A 107 30.74 4.93 18.59
N THR A 108 30.02 6.04 18.45
CA THR A 108 30.06 6.86 17.25
C THR A 108 31.28 7.76 17.08
N PRO A 109 31.51 8.25 15.85
CA PRO A 109 32.64 9.13 15.53
C PRO A 109 32.70 10.37 16.41
N ALA A 110 31.55 10.92 16.77
CA ALA A 110 31.52 12.11 17.62
C ALA A 110 31.92 11.73 19.07
N MET A 111 31.60 10.51 19.47
CA MET A 111 31.95 10.05 20.81
C MET A 111 33.46 9.77 20.80
N GLN A 112 33.93 9.17 19.71
CA GLN A 112 35.35 8.83 19.56
C GLN A 112 36.28 10.02 19.64
N ARG A 113 35.94 11.13 19.00
CA ARG A 113 36.83 12.29 19.04
C ARG A 113 36.76 13.05 20.35
N TYR A 114 35.70 12.81 21.12
CA TYR A 114 35.55 13.46 22.43
C TYR A 114 36.52 12.68 23.31
N VAL A 115 36.46 11.35 23.23
CA VAL A 115 37.35 10.46 23.99
C VAL A 115 38.79 10.77 23.60
N LYS A 116 39.05 10.88 22.30
CA LYS A 116 40.38 11.18 21.81
C LYS A 116 40.96 12.44 22.44
N ARG A 117 40.16 13.51 22.46
CA ARG A 117 40.63 14.76 23.04
C ARG A 117 40.95 14.62 24.52
N LEU A 118 40.11 13.89 25.26
CA LEU A 118 40.35 13.66 26.68
C LEU A 118 41.69 12.97 26.88
N HIS A 119 41.95 11.91 26.11
CA HIS A 119 43.21 11.20 26.24
C HIS A 119 44.40 12.08 25.87
N GLU A 120 44.23 12.93 24.86
CA GLU A 120 45.30 13.85 24.44
C GLU A 120 45.69 14.76 25.60
N VAL A 121 44.70 15.43 26.15
CA VAL A 121 44.92 16.35 27.27
C VAL A 121 45.49 15.67 28.51
N GLY A 122 44.92 14.52 28.86
CA GLY A 122 45.39 13.80 30.03
C GLY A 122 46.81 13.27 29.94
N ARG A 123 47.23 12.89 28.73
CA ARG A 123 48.58 12.36 28.56
C ARG A 123 49.69 13.38 28.40
N THR A 124 49.42 14.48 27.70
CA THR A 124 50.44 15.50 27.47
C THR A 124 50.23 16.82 28.20
N GLU A 125 48.98 17.23 28.41
CA GLU A 125 48.71 18.50 29.07
C GLU A 125 47.73 18.37 30.22
N PRO A 126 48.14 17.69 31.31
CA PRO A 126 47.26 17.51 32.46
C PRO A 126 46.71 18.82 33.05
N GLU A 127 47.40 19.93 32.82
CA GLU A 127 46.95 21.21 33.34
C GLU A 127 45.59 21.61 32.79
N LEU A 128 45.22 21.04 31.64
CA LEU A 128 43.95 21.38 31.01
C LEU A 128 42.84 20.42 31.38
N LEU A 129 43.17 19.35 32.09
CA LEU A 129 42.17 18.38 32.48
C LEU A 129 41.09 19.05 33.35
N VAL A 130 41.50 20.03 34.17
CA VAL A 130 40.56 20.74 35.03
C VAL A 130 39.39 21.35 34.26
N ALA A 131 39.64 21.81 33.03
CA ALA A 131 38.60 22.42 32.22
C ALA A 131 37.49 21.42 31.92
N HIS A 132 37.87 20.19 31.59
CA HIS A 132 36.89 19.16 31.31
C HIS A 132 36.20 18.68 32.58
N ALA A 133 37.00 18.34 33.60
CA ALA A 133 36.44 17.87 34.87
C ALA A 133 35.43 18.88 35.46
N TYR A 134 35.82 20.15 35.50
CA TYR A 134 34.94 21.17 36.04
C TYR A 134 33.60 21.25 35.29
N THR A 135 33.67 21.49 33.98
CA THR A 135 32.45 21.60 33.20
C THR A 135 31.62 20.32 33.19
N ARG A 136 32.27 19.17 33.03
CA ARG A 136 31.56 17.90 33.01
C ARG A 136 30.91 17.55 34.34
N TYR A 137 31.72 17.42 35.39
CA TYR A 137 31.20 17.07 36.71
C TYR A 137 30.20 18.03 37.30
N LEU A 138 30.64 19.27 37.49
CA LEU A 138 29.77 20.26 38.09
C LEU A 138 28.59 20.62 37.20
N GLY A 139 28.77 20.49 35.90
CA GLY A 139 27.68 20.77 34.98
C GLY A 139 26.61 19.68 35.10
N ASP A 140 27.05 18.43 35.12
CA ASP A 140 26.11 17.33 35.23
C ASP A 140 25.48 17.30 36.64
N LEU A 141 26.28 17.56 37.67
CA LEU A 141 25.78 17.58 39.04
C LEU A 141 24.67 18.63 39.20
N SER A 142 24.88 19.81 38.63
CA SER A 142 23.89 20.89 38.73
C SER A 142 22.61 20.72 37.90
N GLY A 143 22.73 20.10 36.73
CA GLY A 143 21.54 19.93 35.90
C GLY A 143 20.87 18.57 35.96
N GLY A 144 21.46 17.66 36.72
CA GLY A 144 20.92 16.32 36.82
C GLY A 144 19.48 16.12 37.29
N GLN A 145 19.12 16.66 38.45
CA GLN A 145 17.76 16.47 38.93
C GLN A 145 16.71 16.88 37.92
N VAL A 146 16.88 18.03 37.26
CA VAL A 146 15.91 18.47 36.27
C VAL A 146 15.84 17.51 35.07
N LEU A 147 16.99 17.11 34.57
CA LEU A 147 17.04 16.19 33.43
C LEU A 147 16.49 14.84 33.82
N LYS A 148 16.73 14.42 35.05
CA LYS A 148 16.24 13.14 35.50
C LYS A 148 14.70 13.08 35.44
N LYS A 149 14.05 14.11 35.94
CA LYS A 149 12.59 14.16 35.93
C LYS A 149 12.05 14.15 34.51
N ILE A 150 12.67 14.93 33.63
CA ILE A 150 12.24 14.95 32.25
C ILE A 150 12.32 13.54 31.69
N ALA A 151 13.42 12.86 31.97
CA ALA A 151 13.62 11.50 31.50
C ALA A 151 12.50 10.59 31.98
N GLN A 152 12.20 10.65 33.28
CA GLN A 152 11.14 9.84 33.88
C GLN A 152 9.79 10.10 33.22
N LYS A 153 9.47 11.37 33.00
CA LYS A 153 8.20 11.75 32.40
C LYS A 153 8.09 11.34 30.95
N ALA A 154 9.07 11.72 30.14
CA ALA A 154 9.05 11.42 28.72
C ALA A 154 9.28 9.96 28.31
N LEU A 155 9.99 9.19 29.11
CA LEU A 155 10.28 7.81 28.76
C LEU A 155 9.41 6.74 29.43
N ASP A 156 8.71 7.13 30.49
CA ASP A 156 7.83 6.20 31.18
C ASP A 156 8.48 4.84 31.43
N LEU A 157 9.48 4.79 32.31
CA LEU A 157 10.12 3.52 32.60
C LEU A 157 9.35 2.79 33.69
N PRO A 158 9.54 1.47 33.80
CA PRO A 158 8.84 0.71 34.83
C PRO A 158 9.51 0.94 36.19
N SER A 159 8.84 0.56 37.28
CA SER A 159 9.42 0.71 38.61
C SER A 159 10.46 -0.37 38.77
N SER A 160 11.53 -0.23 37.98
CA SER A 160 12.64 -1.17 37.95
C SER A 160 13.71 -0.90 39.00
N GLY A 161 13.73 0.31 39.54
CA GLY A 161 14.73 0.66 40.53
C GLY A 161 16.12 0.85 39.91
N GLU A 162 16.17 0.95 38.59
CA GLU A 162 17.43 1.13 37.88
C GLU A 162 17.25 1.87 36.55
N GLY A 163 18.35 2.44 36.06
CA GLY A 163 18.31 3.16 34.80
C GLY A 163 18.69 4.63 34.89
N LEU A 164 18.60 5.21 36.09
CA LEU A 164 18.93 6.61 36.28
C LEU A 164 19.92 6.88 37.42
N ALA A 165 20.78 5.91 37.72
CA ALA A 165 21.77 6.06 38.79
C ALA A 165 22.74 7.22 38.48
N PHE A 166 23.08 7.38 37.20
CA PHE A 166 23.98 8.43 36.77
C PHE A 166 23.56 9.81 37.28
N PHE A 167 22.26 10.00 37.41
CA PHE A 167 21.73 11.29 37.84
C PHE A 167 21.78 11.56 39.33
N THR A 168 22.27 10.60 40.09
CA THR A 168 22.39 10.78 41.53
C THR A 168 23.84 10.61 41.99
N PHE A 169 24.40 11.64 42.61
CA PHE A 169 25.76 11.58 43.13
C PHE A 169 25.54 11.23 44.62
N PRO A 170 25.54 9.93 44.94
CA PRO A 170 25.34 9.37 46.28
C PRO A 170 26.22 9.91 47.40
N ASN A 171 27.46 10.24 47.08
CA ASN A 171 28.39 10.70 48.10
C ASN A 171 28.50 12.21 48.26
N ILE A 172 27.52 12.95 47.75
CA ILE A 172 27.50 14.40 47.90
C ILE A 172 26.18 14.77 48.57
N ALA A 173 26.27 15.22 49.81
CA ALA A 173 25.09 15.59 50.59
C ALA A 173 24.48 16.86 50.05
N SER A 174 25.30 17.90 49.95
CA SER A 174 24.85 19.18 49.43
C SER A 174 25.60 19.58 48.16
N ALA A 175 24.90 19.54 47.03
CA ALA A 175 25.50 19.92 45.76
C ALA A 175 26.07 21.33 45.84
N THR A 176 25.34 22.23 46.50
CA THR A 176 25.77 23.62 46.63
C THR A 176 27.07 23.76 47.44
N LYS A 177 27.17 23.07 48.56
CA LYS A 177 28.40 23.12 49.35
C LYS A 177 29.56 22.45 48.62
N PHE A 178 29.29 21.39 47.87
CA PHE A 178 30.38 20.72 47.14
C PHE A 178 30.93 21.64 46.05
N LYS A 179 30.04 22.25 45.29
CA LYS A 179 30.47 23.15 44.22
C LYS A 179 31.27 24.30 44.79
N GLN A 180 30.91 24.74 45.99
CA GLN A 180 31.63 25.82 46.65
C GLN A 180 33.06 25.39 46.93
N LEU A 181 33.20 24.15 47.38
CA LEU A 181 34.51 23.58 47.69
C LEU A 181 35.33 23.38 46.42
N TYR A 182 34.70 22.83 45.39
CA TYR A 182 35.40 22.55 44.13
C TYR A 182 35.92 23.84 43.51
N ARG A 183 35.09 24.87 43.45
CA ARG A 183 35.50 26.15 42.88
C ARG A 183 36.66 26.74 43.66
N SER A 184 36.60 26.56 44.98
CA SER A 184 37.64 27.06 45.88
C SER A 184 38.98 26.42 45.53
N ARG A 185 39.00 25.10 45.40
CA ARG A 185 40.22 24.40 45.05
C ARG A 185 40.69 24.86 43.67
N MET A 186 39.76 24.92 42.72
CA MET A 186 40.10 25.34 41.37
C MET A 186 40.56 26.80 41.33
N ASN A 187 39.90 27.66 42.11
CA ASN A 187 40.24 29.07 42.14
C ASN A 187 41.55 29.40 42.83
N SER A 188 42.02 28.50 43.67
CA SER A 188 43.28 28.71 44.39
C SER A 188 44.41 27.94 43.74
N LEU A 189 44.17 27.50 42.50
CA LEU A 189 45.13 26.74 41.74
C LEU A 189 46.18 27.66 41.12
N GLU A 190 47.45 27.39 41.45
CA GLU A 190 48.59 28.18 40.97
C GLU A 190 48.87 28.02 39.48
N MET A 191 48.44 29.00 38.68
CA MET A 191 48.68 28.93 37.25
C MET A 191 48.97 30.26 36.57
N THR A 192 49.83 30.20 35.57
CA THR A 192 50.25 31.35 34.79
C THR A 192 49.10 31.91 33.95
N PRO A 193 49.12 33.23 33.72
CA PRO A 193 48.05 33.83 32.90
C PRO A 193 48.06 33.21 31.50
N ALA A 194 49.17 32.54 31.18
CA ALA A 194 49.33 31.89 29.89
C ALA A 194 48.72 30.49 29.96
N VAL A 195 48.95 29.81 31.08
CA VAL A 195 48.41 28.48 31.30
C VAL A 195 46.91 28.68 31.52
N ARG A 196 46.58 29.77 32.19
CA ARG A 196 45.21 30.13 32.49
C ARG A 196 44.41 30.31 31.20
N GLN A 197 45.06 30.85 30.18
CA GLN A 197 44.38 31.09 28.91
C GLN A 197 44.13 29.75 28.22
N ARG A 198 45.07 28.82 28.34
CA ARG A 198 44.90 27.51 27.71
C ARG A 198 43.72 26.76 28.35
N VAL A 199 43.60 26.89 29.68
CA VAL A 199 42.52 26.23 30.41
C VAL A 199 41.15 26.78 29.99
N ILE A 200 41.05 28.10 29.85
CA ILE A 200 39.79 28.71 29.44
C ILE A 200 39.45 28.26 28.03
N GLU A 201 40.50 28.14 27.22
CA GLU A 201 40.34 27.72 25.85
C GLU A 201 39.89 26.25 25.79
N GLU A 202 40.40 25.43 26.70
CA GLU A 202 40.01 24.02 26.71
C GLU A 202 38.57 23.86 27.24
N ALA A 203 38.14 24.80 28.08
CA ALA A 203 36.77 24.75 28.59
C ALA A 203 35.90 24.95 27.34
N LYS A 204 36.35 25.81 26.45
CA LYS A 204 35.64 26.07 25.20
C LYS A 204 35.59 24.76 24.39
N THR A 205 36.73 24.09 24.31
CA THR A 205 36.83 22.82 23.60
C THR A 205 35.79 21.83 24.12
N ALA A 206 35.69 21.73 25.44
CA ALA A 206 34.74 20.84 26.09
C ALA A 206 33.32 21.09 25.58
N PHE A 207 32.89 22.35 25.61
CA PHE A 207 31.55 22.68 25.14
C PHE A 207 31.42 22.38 23.64
N LEU A 208 32.44 22.71 22.86
CA LEU A 208 32.39 22.45 21.42
C LEU A 208 32.29 20.95 21.14
N LEU A 209 32.97 20.14 21.94
CA LEU A 209 32.92 18.68 21.77
C LEU A 209 31.51 18.17 22.04
N ASN A 210 30.82 18.77 23.01
CA ASN A 210 29.46 18.38 23.33
C ASN A 210 28.52 18.82 22.19
N ILE A 211 28.76 19.99 21.63
CA ILE A 211 27.92 20.46 20.54
C ILE A 211 28.03 19.53 19.32
N GLN A 212 29.25 19.15 18.95
CA GLN A 212 29.40 18.27 17.79
C GLN A 212 28.79 16.90 18.08
N LEU A 213 28.77 16.49 19.35
CA LEU A 213 28.15 15.23 19.73
C LEU A 213 26.64 15.33 19.54
N PHE A 214 26.06 16.41 20.06
CA PHE A 214 24.62 16.65 19.96
C PHE A 214 24.21 16.68 18.49
N GLU A 215 24.99 17.38 17.66
CA GLU A 215 24.69 17.45 16.24
C GLU A 215 24.68 16.05 15.62
N GLU A 216 25.63 15.19 16.01
CA GLU A 216 25.66 13.84 15.45
C GLU A 216 24.49 12.98 15.91
N LEU A 217 24.22 12.98 17.22
CA LEU A 217 23.11 12.19 17.75
C LEU A 217 21.79 12.58 17.07
N GLN A 218 21.61 13.86 16.84
CA GLN A 218 20.41 14.38 16.20
C GLN A 218 20.30 13.82 14.78
N GLU A 219 21.44 13.84 14.08
CA GLU A 219 21.53 13.34 12.70
C GLU A 219 21.18 11.85 12.67
N LEU A 220 21.79 11.09 13.57
CA LEU A 220 21.55 9.64 13.65
C LEU A 220 20.08 9.31 13.85
N LEU A 221 19.43 9.98 14.80
CA LEU A 221 18.03 9.71 15.07
C LEU A 221 17.13 10.08 13.90
N THR A 222 17.39 11.20 13.26
CA THR A 222 16.57 11.65 12.14
C THR A 222 16.75 10.86 10.85
N HIS A 223 17.82 10.10 10.74
CA HIS A 223 18.07 9.33 9.51
C HIS A 223 18.20 7.83 9.66
N ASP A 224 17.47 7.26 10.61
CA ASP A 224 17.50 5.82 10.82
C ASP A 224 16.17 5.20 10.41
N PRO B 10 33.78 -31.26 -8.28
CA PRO B 10 33.88 -29.82 -7.90
C PRO B 10 35.31 -29.32 -8.01
N GLN B 11 35.95 -29.65 -9.14
CA GLN B 11 37.32 -29.24 -9.43
C GLN B 11 37.45 -27.72 -9.37
N ASP B 12 36.68 -27.06 -10.22
CA ASP B 12 36.67 -25.61 -10.31
C ASP B 12 36.24 -24.96 -9.00
N LEU B 13 36.85 -23.83 -8.69
CA LEU B 13 36.49 -23.08 -7.49
C LEU B 13 35.01 -22.75 -7.61
N SER B 14 34.56 -22.56 -8.85
CA SER B 14 33.17 -22.25 -9.16
C SER B 14 32.22 -23.24 -8.52
N GLU B 15 32.44 -24.52 -8.81
CA GLU B 15 31.60 -25.60 -8.26
C GLU B 15 31.76 -25.72 -6.77
N ALA B 16 33.01 -25.67 -6.30
CA ALA B 16 33.27 -25.75 -4.87
C ALA B 16 32.43 -24.70 -4.15
N LEU B 17 32.46 -23.47 -4.65
CA LEU B 17 31.69 -22.37 -4.06
C LEU B 17 30.19 -22.62 -4.15
N LYS B 18 29.75 -23.06 -5.33
CA LYS B 18 28.34 -23.32 -5.56
C LYS B 18 27.78 -24.34 -4.56
N GLU B 19 28.52 -25.41 -4.32
CA GLU B 19 28.09 -26.45 -3.40
C GLU B 19 28.06 -25.96 -1.94
N ALA B 20 29.18 -25.40 -1.50
CA ALA B 20 29.32 -24.92 -0.13
C ALA B 20 28.31 -23.84 0.28
N THR B 21 27.85 -23.06 -0.68
CA THR B 21 26.91 -21.99 -0.36
C THR B 21 25.47 -22.26 -0.77
N LYS B 22 25.21 -23.44 -1.34
CA LYS B 22 23.85 -23.75 -1.78
C LYS B 22 22.85 -23.58 -0.65
N GLU B 23 23.27 -23.94 0.56
CA GLU B 23 22.40 -23.83 1.72
C GLU B 23 22.16 -22.38 2.15
N VAL B 24 23.24 -21.63 2.39
CA VAL B 24 23.09 -20.23 2.79
C VAL B 24 22.46 -19.43 1.66
N HIS B 25 22.83 -19.77 0.43
CA HIS B 25 22.31 -19.10 -0.76
C HIS B 25 20.79 -19.16 -0.72
N THR B 26 20.26 -20.36 -0.51
CA THR B 26 18.81 -20.56 -0.46
C THR B 26 18.22 -19.77 0.70
N GLN B 27 18.88 -19.82 1.85
CA GLN B 27 18.39 -19.08 3.02
C GLN B 27 18.28 -17.60 2.66
N ALA B 28 19.23 -17.11 1.88
CA ALA B 28 19.23 -15.71 1.46
C ALA B 28 17.97 -15.44 0.66
N GLU B 29 17.57 -16.40 -0.17
CA GLU B 29 16.36 -16.25 -0.99
C GLU B 29 15.11 -16.38 -0.12
N ASN B 30 15.21 -17.17 0.94
CA ASN B 30 14.09 -17.41 1.84
C ASN B 30 13.76 -16.25 2.77
N ALA B 31 14.75 -15.42 3.09
CA ALA B 31 14.51 -14.27 3.96
C ALA B 31 13.24 -13.57 3.45
N GLU B 32 12.32 -13.27 4.37
CA GLU B 32 11.06 -12.66 3.96
C GLU B 32 11.18 -11.49 2.98
N PHE B 33 12.09 -10.56 3.26
CA PHE B 33 12.24 -9.40 2.38
C PHE B 33 12.51 -9.76 0.93
N MET B 34 13.60 -10.50 0.71
CA MET B 34 14.01 -10.90 -0.63
C MET B 34 13.02 -11.87 -1.27
N ARG B 35 12.34 -12.66 -0.44
CA ARG B 35 11.35 -13.60 -0.95
C ARG B 35 10.18 -12.81 -1.53
N ASN B 36 9.71 -11.83 -0.77
CA ASN B 36 8.59 -10.98 -1.19
C ASN B 36 8.96 -10.17 -2.42
N PHE B 37 10.21 -9.73 -2.48
CA PHE B 37 10.70 -8.95 -3.60
C PHE B 37 10.65 -9.78 -4.89
N GLN B 38 10.93 -11.08 -4.77
CA GLN B 38 10.93 -11.95 -5.95
C GLN B 38 9.51 -12.44 -6.25
N LYS B 39 8.57 -12.10 -5.38
CA LYS B 39 7.17 -12.49 -5.55
C LYS B 39 6.32 -11.29 -5.96
N GLY B 40 6.98 -10.19 -6.29
CA GLY B 40 6.27 -8.98 -6.69
C GLY B 40 6.00 -8.05 -5.53
N GLN B 41 6.18 -8.55 -4.31
CA GLN B 41 5.96 -7.74 -3.11
C GLN B 41 7.19 -6.90 -2.77
N VAL B 42 7.06 -5.59 -2.94
CA VAL B 42 8.14 -4.67 -2.66
C VAL B 42 7.52 -3.27 -2.68
N THR B 43 7.79 -2.50 -1.64
CA THR B 43 7.26 -1.14 -1.54
C THR B 43 8.33 -0.14 -1.94
N ARG B 44 7.96 1.14 -1.99
CA ARG B 44 8.92 2.17 -2.35
C ARG B 44 9.94 2.31 -1.22
N ASP B 45 9.49 2.23 0.02
CA ASP B 45 10.38 2.35 1.17
C ASP B 45 11.33 1.18 1.23
N GLY B 46 10.82 0.01 0.84
CA GLY B 46 11.64 -1.19 0.85
C GLY B 46 12.67 -1.11 -0.26
N PHE B 47 12.21 -0.74 -1.45
CA PHE B 47 13.12 -0.65 -2.59
C PHE B 47 14.25 0.33 -2.32
N LYS B 48 13.93 1.46 -1.70
CA LYS B 48 14.95 2.47 -1.38
C LYS B 48 16.01 1.91 -0.43
N LEU B 49 15.57 1.17 0.59
CA LEU B 49 16.50 0.59 1.55
C LEU B 49 17.49 -0.36 0.91
N VAL B 50 17.04 -1.18 -0.03
CA VAL B 50 17.94 -2.13 -0.67
C VAL B 50 18.91 -1.44 -1.61
N MET B 51 18.44 -0.36 -2.25
CA MET B 51 19.28 0.39 -3.16
C MET B 51 20.33 1.15 -2.34
N ALA B 52 19.94 1.62 -1.17
CA ALA B 52 20.88 2.33 -0.32
C ALA B 52 21.93 1.32 0.12
N SER B 53 21.47 0.15 0.54
CA SER B 53 22.36 -0.92 0.97
C SER B 53 23.34 -1.23 -0.14
N LEU B 54 22.81 -1.48 -1.34
CA LEU B 54 23.65 -1.79 -2.47
C LEU B 54 24.70 -0.73 -2.74
N TYR B 55 24.33 0.53 -2.57
CA TYR B 55 25.26 1.62 -2.79
C TYR B 55 26.45 1.51 -1.82
N HIS B 56 26.18 1.34 -0.53
CA HIS B 56 27.25 1.21 0.45
C HIS B 56 28.11 -0.02 0.20
N ILE B 57 27.45 -1.15 -0.08
CA ILE B 57 28.17 -2.39 -0.35
C ILE B 57 29.12 -2.24 -1.55
N TYR B 58 28.56 -1.78 -2.66
CA TYR B 58 29.36 -1.60 -3.87
C TYR B 58 30.42 -0.52 -3.72
N VAL B 59 30.15 0.50 -2.92
CA VAL B 59 31.16 1.54 -2.72
C VAL B 59 32.38 0.90 -2.03
N ALA B 60 32.10 0.12 -1.00
CA ALA B 60 33.16 -0.55 -0.23
C ALA B 60 33.90 -1.58 -1.07
N LEU B 61 33.14 -2.42 -1.75
CA LEU B 61 33.72 -3.45 -2.60
C LEU B 61 34.61 -2.85 -3.70
N GLU B 62 34.07 -1.91 -4.46
CA GLU B 62 34.83 -1.34 -5.56
C GLU B 62 36.04 -0.52 -5.13
N GLU B 63 36.01 -0.03 -3.89
CA GLU B 63 37.15 0.71 -3.38
C GLU B 63 38.25 -0.32 -3.09
N GLU B 64 37.87 -1.42 -2.45
CA GLU B 64 38.84 -2.47 -2.13
C GLU B 64 39.35 -3.13 -3.40
N ILE B 65 38.50 -3.26 -4.40
CA ILE B 65 38.90 -3.85 -5.66
C ILE B 65 39.98 -2.96 -6.31
N GLU B 66 39.75 -1.66 -6.33
CA GLU B 66 40.71 -0.74 -6.93
C GLU B 66 42.03 -0.75 -6.17
N ARG B 67 41.97 -1.04 -4.89
CA ARG B 67 43.16 -1.09 -4.05
C ARG B 67 44.02 -2.32 -4.34
N ASN B 68 43.40 -3.40 -4.78
CA ASN B 68 44.13 -4.63 -5.07
C ASN B 68 43.97 -5.10 -6.51
N LYS B 69 43.65 -4.17 -7.40
CA LYS B 69 43.45 -4.53 -8.80
C LYS B 69 44.64 -5.16 -9.49
N GLU B 70 45.85 -4.77 -9.10
CA GLU B 70 47.05 -5.30 -9.74
C GLU B 70 47.68 -6.48 -9.01
N SER B 71 47.05 -6.91 -7.91
CA SER B 71 47.56 -8.04 -7.16
C SER B 71 47.19 -9.34 -7.86
N PRO B 72 48.08 -10.33 -7.84
CA PRO B 72 47.82 -11.62 -8.49
C PRO B 72 46.57 -12.32 -7.95
N VAL B 73 46.21 -12.03 -6.71
CA VAL B 73 45.04 -12.65 -6.09
C VAL B 73 43.69 -12.09 -6.55
N PHE B 74 43.70 -11.08 -7.43
CA PHE B 74 42.45 -10.50 -7.90
C PHE B 74 42.51 -10.05 -9.35
N ALA B 75 43.68 -9.62 -9.79
CA ALA B 75 43.86 -9.13 -11.14
C ALA B 75 43.10 -9.93 -12.21
N PRO B 76 43.23 -11.26 -12.20
CA PRO B 76 42.54 -12.09 -13.18
C PRO B 76 41.02 -11.89 -13.26
N VAL B 77 40.42 -11.38 -12.19
CA VAL B 77 38.98 -11.15 -12.19
C VAL B 77 38.65 -9.67 -12.12
N TYR B 78 39.58 -8.84 -12.56
CA TYR B 78 39.38 -7.39 -12.55
C TYR B 78 38.79 -6.96 -13.90
N PHE B 79 37.51 -6.63 -13.87
CA PHE B 79 36.78 -6.19 -15.05
C PHE B 79 36.04 -4.91 -14.66
N PRO B 80 36.79 -3.82 -14.42
CA PRO B 80 36.21 -2.54 -14.03
C PRO B 80 35.10 -2.04 -14.94
N GLU B 81 35.40 -1.93 -16.24
CA GLU B 81 34.41 -1.43 -17.19
C GLU B 81 33.13 -2.22 -17.31
N GLU B 82 33.26 -3.54 -17.37
CA GLU B 82 32.10 -4.41 -17.50
C GLU B 82 31.22 -4.49 -16.26
N LEU B 83 31.83 -4.40 -15.07
CA LEU B 83 31.06 -4.56 -13.84
C LEU B 83 30.81 -3.42 -12.87
N HIS B 84 31.63 -2.38 -12.87
CA HIS B 84 31.45 -1.32 -11.89
C HIS B 84 30.00 -0.86 -11.76
N ARG B 85 29.53 -0.80 -10.52
CA ARG B 85 28.15 -0.43 -10.21
C ARG B 85 27.95 0.87 -9.42
N LYS B 86 29.00 1.34 -8.74
CA LYS B 86 28.89 2.56 -7.93
C LYS B 86 28.21 3.72 -8.63
N ALA B 87 28.72 4.09 -9.80
CA ALA B 87 28.17 5.21 -10.56
C ALA B 87 26.70 5.00 -10.88
N ALA B 88 26.34 3.79 -11.28
CA ALA B 88 24.94 3.50 -11.61
C ALA B 88 24.09 3.72 -10.34
N LEU B 89 24.60 3.26 -9.21
CA LEU B 89 23.87 3.41 -7.95
C LEU B 89 23.76 4.87 -7.52
N GLU B 90 24.78 5.67 -7.80
CA GLU B 90 24.75 7.10 -7.46
C GLU B 90 23.65 7.77 -8.27
N GLN B 91 23.55 7.35 -9.52
CA GLN B 91 22.58 7.85 -10.48
C GLN B 91 21.16 7.58 -9.92
N ASP B 92 20.93 6.35 -9.49
CA ASP B 92 19.64 5.94 -8.95
C ASP B 92 19.26 6.58 -7.59
N LEU B 93 20.21 6.69 -6.67
CA LEU B 93 19.91 7.29 -5.37
C LEU B 93 19.56 8.77 -5.51
N ALA B 94 20.24 9.47 -6.41
CA ALA B 94 19.94 10.88 -6.64
C ALA B 94 18.48 10.99 -7.07
N PHE B 95 17.96 9.93 -7.68
CA PHE B 95 16.56 9.92 -8.13
C PHE B 95 15.61 9.57 -7.00
N TRP B 96 15.93 8.53 -6.23
CA TRP B 96 15.07 8.11 -5.14
C TRP B 96 15.16 9.01 -3.92
N TYR B 97 16.35 9.51 -3.60
CA TYR B 97 16.50 10.36 -2.42
C TYR B 97 16.71 11.83 -2.70
N GLY B 98 16.80 12.21 -3.97
CA GLY B 98 16.98 13.61 -4.29
C GLY B 98 18.39 14.14 -4.38
N PRO B 99 18.56 15.44 -4.68
CA PRO B 99 19.85 16.11 -4.83
C PRO B 99 20.79 15.99 -3.63
N ARG B 100 20.22 15.90 -2.42
CA ARG B 100 21.05 15.78 -1.23
C ARG B 100 21.01 14.37 -0.63
N TRP B 101 20.87 13.36 -1.50
CA TRP B 101 20.82 11.98 -1.07
C TRP B 101 21.94 11.56 -0.11
N GLN B 102 23.15 12.03 -0.40
CA GLN B 102 24.31 11.69 0.44
C GLN B 102 24.10 12.11 1.88
N GLU B 103 23.27 13.12 2.10
CA GLU B 103 23.00 13.60 3.44
C GLU B 103 21.86 12.86 4.13
N VAL B 104 20.97 12.24 3.36
CA VAL B 104 19.81 11.58 3.96
C VAL B 104 19.69 10.07 3.86
N ILE B 105 20.50 9.42 3.02
CA ILE B 105 20.36 7.98 2.90
C ILE B 105 20.68 7.25 4.19
N PRO B 106 19.95 6.15 4.44
CA PRO B 106 20.18 5.37 5.65
C PRO B 106 21.50 4.63 5.55
N TYR B 107 22.08 4.33 6.70
CA TYR B 107 23.33 3.58 6.81
C TYR B 107 23.18 2.88 8.16
N THR B 108 22.40 1.81 8.13
CA THR B 108 22.06 1.00 9.28
C THR B 108 23.21 0.11 9.76
N PRO B 109 23.06 -0.52 10.94
CA PRO B 109 24.14 -1.39 11.44
C PRO B 109 24.40 -2.64 10.59
N ALA B 110 23.37 -3.19 9.95
CA ALA B 110 23.60 -4.36 9.11
C ALA B 110 24.37 -3.93 7.86
N MET B 111 24.11 -2.71 7.39
CA MET B 111 24.82 -2.18 6.22
C MET B 111 26.27 -1.92 6.62
N GLN B 112 26.48 -1.33 7.79
CA GLN B 112 27.84 -1.03 8.25
C GLN B 112 28.65 -2.30 8.54
N ARG B 113 27.99 -3.35 9.05
CA ARG B 113 28.70 -4.60 9.31
C ARG B 113 29.18 -5.18 7.99
N TYR B 114 28.30 -5.16 6.99
CA TYR B 114 28.63 -5.65 5.67
C TYR B 114 29.83 -4.87 5.13
N VAL B 115 29.74 -3.55 5.20
CA VAL B 115 30.82 -2.68 4.72
C VAL B 115 32.13 -2.87 5.49
N LYS B 116 32.02 -3.09 6.79
CA LYS B 116 33.20 -3.28 7.64
C LYS B 116 33.99 -4.51 7.16
N ARG B 117 33.28 -5.60 6.90
CA ARG B 117 33.90 -6.82 6.45
C ARG B 117 34.62 -6.66 5.10
N LEU B 118 33.98 -5.98 4.16
CA LEU B 118 34.59 -5.76 2.85
C LEU B 118 35.94 -5.07 2.97
N HIS B 119 35.99 -3.99 3.74
CA HIS B 119 37.22 -3.25 3.92
C HIS B 119 38.28 -4.07 4.65
N GLU B 120 37.82 -4.90 5.59
CA GLU B 120 38.73 -5.73 6.34
C GLU B 120 39.41 -6.71 5.40
N VAL B 121 38.61 -7.38 4.58
CA VAL B 121 39.12 -8.33 3.59
C VAL B 121 40.07 -7.65 2.60
N GLY B 122 39.60 -6.55 2.01
CA GLY B 122 40.41 -5.84 1.05
C GLY B 122 41.74 -5.33 1.60
N ARG B 123 41.75 -4.96 2.87
CA ARG B 123 42.97 -4.43 3.47
C ARG B 123 43.90 -5.50 4.04
N THR B 124 43.33 -6.50 4.70
CA THR B 124 44.12 -7.55 5.34
C THR B 124 44.21 -8.90 4.65
N GLU B 125 43.19 -9.26 3.89
CA GLU B 125 43.17 -10.55 3.20
C GLU B 125 42.61 -10.41 1.78
N PRO B 126 43.30 -9.66 0.92
CA PRO B 126 42.89 -9.43 -0.47
C PRO B 126 42.48 -10.69 -1.22
N GLU B 127 43.05 -11.82 -0.82
CA GLU B 127 42.77 -13.09 -1.47
C GLU B 127 41.31 -13.52 -1.36
N LEU B 128 40.61 -13.00 -0.37
CA LEU B 128 39.21 -13.37 -0.16
C LEU B 128 38.21 -12.46 -0.87
N LEU B 129 38.68 -11.33 -1.40
CA LEU B 129 37.79 -10.40 -2.09
C LEU B 129 37.02 -11.08 -3.22
N VAL B 130 37.66 -12.03 -3.89
CA VAL B 130 37.05 -12.77 -4.99
C VAL B 130 35.70 -13.34 -4.57
N ALA B 131 35.65 -13.86 -3.35
CA ALA B 131 34.43 -14.43 -2.79
C ALA B 131 33.27 -13.43 -2.86
N HIS B 132 33.55 -12.19 -2.48
CA HIS B 132 32.54 -11.14 -2.51
C HIS B 132 32.24 -10.67 -3.93
N ALA B 133 33.29 -10.47 -4.73
CA ALA B 133 33.15 -9.99 -6.10
C ALA B 133 32.33 -10.95 -6.95
N TYR B 134 32.64 -12.24 -6.83
CA TYR B 134 31.95 -13.28 -7.58
C TYR B 134 30.46 -13.35 -7.25
N THR B 135 30.14 -13.50 -5.96
CA THR B 135 28.75 -13.62 -5.56
C THR B 135 27.92 -12.36 -5.74
N ARG B 136 28.50 -11.20 -5.44
CA ARG B 136 27.80 -9.93 -5.62
C ARG B 136 27.56 -9.62 -7.11
N TYR B 137 28.64 -9.49 -7.87
CA TYR B 137 28.51 -9.16 -9.29
C TYR B 137 27.71 -10.15 -10.12
N LEU B 138 28.22 -11.37 -10.26
CA LEU B 138 27.54 -12.39 -11.05
C LEU B 138 26.15 -12.71 -10.52
N GLY B 139 25.95 -12.56 -9.21
CA GLY B 139 24.64 -12.81 -8.65
C GLY B 139 23.69 -11.70 -9.10
N ASP B 140 24.14 -10.45 -8.97
CA ASP B 140 23.31 -9.32 -9.37
C ASP B 140 23.13 -9.26 -10.89
N LEU B 141 24.15 -9.68 -11.62
CA LEU B 141 24.08 -9.69 -13.09
C LEU B 141 23.02 -10.70 -13.53
N SER B 142 23.03 -11.87 -12.91
CA SER B 142 22.09 -12.94 -13.24
C SER B 142 20.63 -12.64 -12.89
N GLY B 143 20.38 -12.08 -11.72
CA GLY B 143 19.02 -11.79 -11.33
C GLY B 143 18.59 -10.36 -11.63
N GLY B 144 19.47 -9.61 -12.29
CA GLY B 144 19.17 -8.22 -12.61
C GLY B 144 17.88 -7.94 -13.34
N GLN B 145 17.75 -8.48 -14.55
CA GLN B 145 16.56 -8.23 -15.35
C GLN B 145 15.26 -8.69 -14.70
N VAL B 146 15.30 -9.80 -13.97
CA VAL B 146 14.10 -10.31 -13.31
C VAL B 146 13.60 -9.37 -12.22
N LEU B 147 14.50 -8.92 -11.35
CA LEU B 147 14.10 -8.00 -10.28
C LEU B 147 13.71 -6.63 -10.83
N LYS B 148 14.38 -6.22 -11.89
CA LYS B 148 14.10 -4.94 -12.53
C LYS B 148 12.65 -4.91 -12.99
N LYS B 149 12.23 -5.99 -13.65
CA LYS B 149 10.87 -6.14 -14.15
C LYS B 149 9.85 -6.06 -13.02
N ILE B 150 10.14 -6.76 -11.92
CA ILE B 150 9.27 -6.75 -10.76
C ILE B 150 9.21 -5.33 -10.21
N ALA B 151 10.36 -4.65 -10.21
CA ALA B 151 10.47 -3.29 -9.71
C ALA B 151 9.67 -2.30 -10.56
N GLN B 152 9.70 -2.49 -11.88
CA GLN B 152 8.96 -1.60 -12.77
C GLN B 152 7.46 -1.77 -12.53
N LYS B 153 6.99 -3.01 -12.64
CA LYS B 153 5.59 -3.32 -12.44
C LYS B 153 5.26 -3.54 -10.97
N ALA B 154 5.48 -2.50 -10.15
CA ALA B 154 5.20 -2.57 -8.73
C ALA B 154 5.43 -1.19 -8.08
N LEU B 155 6.52 -0.56 -8.45
CA LEU B 155 6.87 0.75 -7.91
C LEU B 155 6.07 1.90 -8.51
N ASP B 156 5.71 1.76 -9.78
CA ASP B 156 4.95 2.81 -10.46
C ASP B 156 5.74 4.11 -10.41
N LEU B 157 6.90 4.12 -11.05
CA LEU B 157 7.76 5.29 -11.07
C LEU B 157 7.45 6.25 -12.22
N PRO B 158 7.85 7.52 -12.07
CA PRO B 158 7.58 8.49 -13.14
C PRO B 158 8.39 8.07 -14.35
N SER B 159 7.84 8.26 -15.55
CA SER B 159 8.54 7.87 -16.76
C SER B 159 9.67 8.87 -17.06
N SER B 160 10.43 9.22 -16.03
CA SER B 160 11.53 10.17 -16.19
C SER B 160 12.84 9.47 -16.58
N GLY B 161 12.75 8.18 -16.89
CA GLY B 161 13.93 7.42 -17.30
C GLY B 161 15.09 7.38 -16.32
N GLU B 162 14.78 7.19 -15.04
CA GLU B 162 15.80 7.12 -14.00
C GLU B 162 15.36 6.27 -12.83
N GLY B 163 16.34 5.78 -12.05
CA GLY B 163 16.01 4.98 -10.88
C GLY B 163 16.37 3.52 -10.90
N LEU B 164 16.51 2.92 -12.09
CA LEU B 164 16.84 1.51 -12.19
C LEU B 164 18.09 1.25 -13.03
N ALA B 165 19.02 2.19 -13.00
CA ALA B 165 20.26 2.06 -13.76
C ALA B 165 21.07 0.89 -13.27
N PHE B 166 21.04 0.66 -11.96
CA PHE B 166 21.79 -0.43 -11.32
C PHE B 166 21.46 -1.78 -11.93
N PHE B 167 20.24 -1.93 -12.42
CA PHE B 167 19.84 -3.23 -12.97
C PHE B 167 20.28 -3.53 -14.39
N THR B 168 21.01 -2.63 -15.03
CA THR B 168 21.51 -2.93 -16.36
C THR B 168 23.01 -2.65 -16.41
N PHE B 169 23.79 -3.67 -16.80
CA PHE B 169 25.23 -3.53 -16.94
C PHE B 169 25.43 -3.20 -18.41
N PRO B 170 25.52 -1.90 -18.74
CA PRO B 170 25.70 -1.48 -20.13
C PRO B 170 26.92 -2.02 -20.89
N ASN B 171 27.99 -2.31 -20.17
CA ASN B 171 29.21 -2.78 -20.81
C ASN B 171 29.35 -4.30 -20.99
N ILE B 172 28.28 -5.03 -20.69
CA ILE B 172 28.30 -6.48 -20.87
C ILE B 172 27.20 -6.83 -21.88
N ALA B 173 27.61 -7.17 -23.10
CA ALA B 173 26.67 -7.52 -24.14
C ALA B 173 25.97 -8.85 -23.85
N SER B 174 26.75 -9.85 -23.48
CA SER B 174 26.18 -11.17 -23.20
C SER B 174 26.47 -11.66 -21.79
N ALA B 175 25.45 -11.62 -20.94
CA ALA B 175 25.58 -12.04 -19.55
C ALA B 175 26.16 -13.45 -19.44
N THR B 176 25.59 -14.40 -20.17
CA THR B 176 26.06 -15.79 -20.13
C THR B 176 27.54 -15.93 -20.47
N LYS B 177 27.97 -15.25 -21.54
CA LYS B 177 29.35 -15.32 -21.96
C LYS B 177 30.30 -14.63 -20.97
N PHE B 178 29.88 -13.51 -20.40
CA PHE B 178 30.73 -12.82 -19.44
C PHE B 178 30.91 -13.71 -18.22
N LYS B 179 29.81 -14.36 -17.81
CA LYS B 179 29.84 -15.23 -16.65
C LYS B 179 30.79 -16.41 -16.84
N GLN B 180 30.78 -17.04 -18.01
CA GLN B 180 31.70 -18.16 -18.20
C GLN B 180 33.13 -17.66 -18.27
N LEU B 181 33.32 -16.44 -18.77
CA LEU B 181 34.65 -15.85 -18.83
C LEU B 181 35.15 -15.54 -17.42
N TYR B 182 34.23 -15.08 -16.58
CA TYR B 182 34.55 -14.74 -15.19
C TYR B 182 34.92 -15.99 -14.42
N ARG B 183 34.08 -17.02 -14.53
CA ARG B 183 34.34 -18.28 -13.85
C ARG B 183 35.71 -18.78 -14.26
N SER B 184 35.98 -18.72 -15.57
CA SER B 184 37.25 -19.17 -16.13
C SER B 184 38.44 -18.51 -15.44
N ARG B 185 38.45 -17.19 -15.34
CA ARG B 185 39.57 -16.50 -14.68
C ARG B 185 39.62 -16.83 -13.19
N MET B 186 38.46 -16.86 -12.54
CA MET B 186 38.42 -17.15 -11.10
C MET B 186 38.98 -18.54 -10.85
N ASN B 187 38.63 -19.49 -11.71
CA ASN B 187 39.12 -20.86 -11.57
C ASN B 187 40.59 -20.98 -11.94
N SER B 188 41.20 -19.89 -12.38
CA SER B 188 42.61 -19.91 -12.74
C SER B 188 43.44 -19.34 -11.60
N LEU B 189 42.77 -18.86 -10.56
CA LEU B 189 43.46 -18.33 -9.40
C LEU B 189 44.20 -19.43 -8.67
N GLU B 190 45.42 -19.14 -8.25
CA GLU B 190 46.25 -20.09 -7.53
C GLU B 190 45.97 -19.94 -6.03
N MET B 191 45.69 -21.06 -5.37
CA MET B 191 45.40 -21.01 -3.95
C MET B 191 45.87 -22.22 -3.17
N THR B 192 46.51 -21.98 -2.04
CA THR B 192 46.95 -23.06 -1.19
C THR B 192 45.66 -23.66 -0.63
N PRO B 193 45.69 -24.92 -0.19
CA PRO B 193 44.47 -25.50 0.35
C PRO B 193 43.81 -24.60 1.42
N ALA B 194 44.61 -24.11 2.35
CA ALA B 194 44.09 -23.26 3.41
C ALA B 194 43.35 -22.03 2.87
N VAL B 195 43.95 -21.35 1.89
CA VAL B 195 43.32 -20.17 1.30
C VAL B 195 42.04 -20.54 0.57
N ARG B 196 42.14 -21.52 -0.33
CA ARG B 196 40.98 -21.97 -1.09
C ARG B 196 39.80 -22.25 -0.16
N GLN B 197 40.10 -22.78 1.02
CA GLN B 197 39.06 -23.09 2.00
C GLN B 197 38.53 -21.80 2.65
N ARG B 198 39.43 -20.86 2.88
CA ARG B 198 39.05 -19.59 3.50
C ARG B 198 38.24 -18.76 2.49
N VAL B 199 38.56 -18.91 1.20
CA VAL B 199 37.83 -18.21 0.15
C VAL B 199 36.41 -18.75 0.10
N ILE B 200 36.27 -20.05 0.30
CA ILE B 200 34.97 -20.70 0.30
C ILE B 200 34.14 -20.22 1.48
N GLU B 201 34.78 -20.14 2.65
CA GLU B 201 34.09 -19.70 3.85
C GLU B 201 33.67 -18.23 3.72
N GLU B 202 34.50 -17.45 3.05
CA GLU B 202 34.20 -16.03 2.87
C GLU B 202 32.94 -15.92 2.00
N ALA B 203 32.76 -16.87 1.10
CA ALA B 203 31.60 -16.89 0.23
C ALA B 203 30.36 -17.12 1.08
N LYS B 204 30.46 -17.99 2.07
CA LYS B 204 29.32 -18.23 2.94
C LYS B 204 28.99 -17.00 3.78
N THR B 205 30.00 -16.34 4.34
CA THR B 205 29.72 -15.16 5.16
C THR B 205 29.13 -14.05 4.30
N ALA B 206 29.47 -14.07 3.01
CA ALA B 206 28.91 -13.07 2.12
C ALA B 206 27.40 -13.25 2.13
N PHE B 207 26.93 -14.48 2.01
CA PHE B 207 25.50 -14.74 2.02
C PHE B 207 24.89 -14.44 3.38
N LEU B 208 25.64 -14.70 4.46
CA LEU B 208 25.15 -14.44 5.80
C LEU B 208 24.96 -12.94 6.01
N LEU B 209 25.90 -12.13 5.51
CA LEU B 209 25.80 -10.68 5.66
C LEU B 209 24.57 -10.16 4.92
N ASN B 210 24.20 -10.81 3.82
CA ASN B 210 23.02 -10.42 3.07
C ASN B 210 21.80 -10.88 3.85
N ILE B 211 21.85 -12.12 4.37
CA ILE B 211 20.75 -12.65 5.16
C ILE B 211 20.43 -11.69 6.31
N GLN B 212 21.48 -11.30 7.06
CA GLN B 212 21.32 -10.37 8.18
C GLN B 212 20.72 -9.06 7.69
N LEU B 213 21.22 -8.58 6.57
CA LEU B 213 20.72 -7.32 6.01
C LEU B 213 19.24 -7.45 5.64
N PHE B 214 18.86 -8.58 5.05
CA PHE B 214 17.46 -8.78 4.66
C PHE B 214 16.57 -8.81 5.90
N GLU B 215 17.06 -9.46 6.96
CA GLU B 215 16.31 -9.56 8.21
C GLU B 215 16.16 -8.19 8.86
N GLU B 216 17.17 -7.35 8.71
CA GLU B 216 17.10 -6.02 9.32
C GLU B 216 16.13 -5.13 8.58
N LEU B 217 16.21 -5.17 7.25
CA LEU B 217 15.35 -4.35 6.40
C LEU B 217 13.88 -4.71 6.61
N GLN B 218 13.59 -6.00 6.77
CA GLN B 218 12.23 -6.45 6.98
C GLN B 218 11.74 -5.92 8.32
N GLU B 219 12.59 -6.04 9.34
CA GLU B 219 12.27 -5.56 10.68
C GLU B 219 12.02 -4.05 10.64
N LEU B 220 12.83 -3.34 9.86
CA LEU B 220 12.70 -1.90 9.73
C LEU B 220 11.42 -1.49 9.01
N LEU B 221 10.96 -2.36 8.11
CA LEU B 221 9.74 -2.06 7.36
C LEU B 221 8.51 -2.42 8.19
N THR B 222 8.71 -3.15 9.28
CA THR B 222 7.60 -3.55 10.13
C THR B 222 7.86 -3.20 11.60
N HIS B 223 7.49 -1.99 12.00
CA HIS B 223 7.68 -1.53 13.37
C HIS B 223 6.41 -1.74 14.21
N MET C 1 -3.36 34.49 -11.14
CA MET C 1 -2.22 33.58 -11.47
C MET C 1 -2.78 32.26 -12.02
N GLU C 2 -2.40 31.91 -13.25
CA GLU C 2 -2.89 30.70 -13.88
C GLU C 2 -2.14 30.43 -15.16
N ARG C 3 -2.36 29.25 -15.74
CA ARG C 3 -1.76 28.87 -17.00
C ARG C 3 -2.81 29.29 -18.04
N PRO C 4 -2.37 29.82 -19.20
CA PRO C 4 -3.27 30.27 -20.27
C PRO C 4 -4.05 29.12 -20.92
N GLN C 5 -5.31 29.37 -21.26
CA GLN C 5 -6.10 28.34 -21.93
C GLN C 5 -6.26 28.67 -23.41
N PRO C 6 -6.23 27.66 -24.28
CA PRO C 6 -6.38 27.93 -25.72
C PRO C 6 -7.72 28.63 -26.00
N ASP C 7 -7.72 29.61 -26.89
CA ASP C 7 -8.94 30.33 -27.24
C ASP C 7 -9.67 30.89 -26.02
N SER C 8 -8.89 31.35 -25.04
CA SER C 8 -9.41 31.91 -23.80
C SER C 8 -10.60 31.15 -23.21
N MET C 9 -10.56 29.82 -23.24
CA MET C 9 -11.64 29.02 -22.67
C MET C 9 -11.54 29.01 -21.14
N PRO C 10 -12.65 28.71 -20.43
CA PRO C 10 -12.62 28.68 -18.96
C PRO C 10 -11.63 27.66 -18.41
N GLN C 11 -11.18 27.90 -17.19
CA GLN C 11 -10.22 27.04 -16.52
C GLN C 11 -10.77 25.66 -16.19
N ASP C 12 -11.99 25.61 -15.66
CA ASP C 12 -12.60 24.33 -15.32
C ASP C 12 -13.04 23.56 -16.56
N LEU C 13 -12.53 22.34 -16.70
CA LEU C 13 -12.86 21.50 -17.83
C LEU C 13 -14.38 21.42 -18.05
N SER C 14 -15.14 21.18 -16.98
CA SER C 14 -16.61 21.09 -17.10
C SER C 14 -17.21 22.37 -17.70
N GLU C 15 -16.65 23.53 -17.37
CA GLU C 15 -17.17 24.78 -17.92
C GLU C 15 -16.77 24.91 -19.38
N ALA C 16 -15.55 24.49 -19.70
CA ALA C 16 -15.05 24.54 -21.08
C ALA C 16 -15.86 23.59 -21.96
N LEU C 17 -16.24 22.43 -21.41
CA LEU C 17 -17.05 21.48 -22.16
C LEU C 17 -18.42 22.08 -22.46
N LYS C 18 -19.03 22.65 -21.43
CA LYS C 18 -20.33 23.27 -21.58
C LYS C 18 -20.31 24.27 -22.73
N GLU C 19 -19.42 25.25 -22.63
CA GLU C 19 -19.29 26.27 -23.67
C GLU C 19 -19.08 25.71 -25.06
N ALA C 20 -18.04 24.89 -25.21
CA ALA C 20 -17.69 24.31 -26.49
C ALA C 20 -18.72 23.39 -27.14
N THR C 21 -19.52 22.70 -26.33
CA THR C 21 -20.51 21.78 -26.88
C THR C 21 -21.92 22.35 -26.95
N LYS C 22 -22.07 23.63 -26.63
CA LYS C 22 -23.38 24.28 -26.65
C LYS C 22 -24.10 24.15 -27.99
N GLU C 23 -23.36 24.35 -29.07
CA GLU C 23 -23.91 24.26 -30.43
C GLU C 23 -24.46 22.87 -30.74
N VAL C 24 -23.56 21.89 -30.85
CA VAL C 24 -23.95 20.52 -31.15
C VAL C 24 -25.01 20.01 -30.19
N HIS C 25 -24.93 20.45 -28.94
CA HIS C 25 -25.90 20.01 -27.92
C HIS C 25 -27.33 20.34 -28.33
N THR C 26 -27.59 21.60 -28.66
CA THR C 26 -28.93 22.01 -29.05
C THR C 26 -29.38 21.26 -30.30
N GLN C 27 -28.48 21.14 -31.26
CA GLN C 27 -28.78 20.41 -32.49
C GLN C 27 -29.25 19.00 -32.15
N ALA C 28 -28.54 18.37 -31.20
CA ALA C 28 -28.87 17.02 -30.77
C ALA C 28 -30.28 16.95 -30.20
N GLU C 29 -30.65 17.93 -29.39
CA GLU C 29 -31.98 17.95 -28.79
C GLU C 29 -33.01 18.48 -29.78
N ASN C 30 -32.54 18.96 -30.92
CA ASN C 30 -33.45 19.45 -31.95
C ASN C 30 -33.90 18.32 -32.87
N ALA C 31 -33.05 17.30 -33.04
CA ALA C 31 -33.38 16.18 -33.89
C ALA C 31 -34.80 15.72 -33.60
N GLU C 32 -35.62 15.69 -34.65
CA GLU C 32 -37.02 15.31 -34.54
C GLU C 32 -37.30 14.15 -33.61
N PHE C 33 -36.50 13.08 -33.73
CA PHE C 33 -36.71 11.92 -32.89
C PHE C 33 -36.72 12.30 -31.41
N MET C 34 -35.63 12.93 -30.97
CA MET C 34 -35.50 13.34 -29.58
C MET C 34 -36.50 14.42 -29.19
N ARG C 35 -36.72 15.40 -30.06
CA ARG C 35 -37.68 16.45 -29.75
C ARG C 35 -39.06 15.81 -29.56
N ASN C 36 -39.40 14.88 -30.44
CA ASN C 36 -40.68 14.19 -30.35
C ASN C 36 -40.79 13.51 -29.00
N PHE C 37 -39.75 12.76 -28.64
CA PHE C 37 -39.71 12.05 -27.37
C PHE C 37 -39.97 13.05 -26.25
N GLN C 38 -39.29 14.20 -26.31
CA GLN C 38 -39.43 15.24 -25.32
C GLN C 38 -40.86 15.76 -25.23
N LYS C 39 -41.58 15.71 -26.34
CA LYS C 39 -42.96 16.19 -26.40
C LYS C 39 -44.00 15.10 -26.15
N GLY C 40 -43.55 13.92 -25.73
CA GLY C 40 -44.47 12.84 -25.48
C GLY C 40 -44.80 12.09 -26.76
N GLN C 41 -44.09 12.46 -27.83
CA GLN C 41 -44.25 11.85 -29.13
C GLN C 41 -43.28 10.67 -29.28
N VAL C 42 -43.59 9.56 -28.60
CA VAL C 42 -42.73 8.37 -28.67
C VAL C 42 -43.56 7.08 -28.73
N THR C 43 -43.29 6.25 -29.72
CA THR C 43 -44.01 4.99 -29.90
C THR C 43 -43.26 3.82 -29.27
N ARG C 44 -43.88 2.65 -29.27
CA ARG C 44 -43.24 1.46 -28.70
C ARG C 44 -42.11 1.03 -29.61
N ASP C 45 -42.28 1.24 -30.92
CA ASP C 45 -41.27 0.90 -31.90
C ASP C 45 -40.06 1.79 -31.70
N GLY C 46 -40.31 3.07 -31.54
CA GLY C 46 -39.24 4.04 -31.34
C GLY C 46 -38.53 3.83 -30.03
N PHE C 47 -39.30 3.60 -28.97
CA PHE C 47 -38.71 3.39 -27.67
C PHE C 47 -37.80 2.15 -27.72
N LYS C 48 -38.22 1.14 -28.48
CA LYS C 48 -37.45 -0.08 -28.63
C LYS C 48 -36.10 0.19 -29.28
N LEU C 49 -36.11 1.04 -30.30
CA LEU C 49 -34.90 1.41 -31.03
C LEU C 49 -33.88 2.15 -30.17
N VAL C 50 -34.34 3.06 -29.32
CA VAL C 50 -33.42 3.79 -28.46
C VAL C 50 -32.87 2.93 -27.35
N MET C 51 -33.72 2.05 -26.81
CA MET C 51 -33.28 1.16 -25.76
C MET C 51 -32.22 0.17 -26.28
N ALA C 52 -32.39 -0.27 -27.52
CA ALA C 52 -31.45 -1.20 -28.12
C ALA C 52 -30.16 -0.44 -28.41
N SER C 53 -30.31 0.80 -28.86
CA SER C 53 -29.16 1.65 -29.16
C SER C 53 -28.34 1.88 -27.89
N LEU C 54 -29.00 2.32 -26.83
CA LEU C 54 -28.35 2.56 -25.54
C LEU C 54 -27.60 1.31 -25.08
N TYR C 55 -28.19 0.14 -25.30
CA TYR C 55 -27.56 -1.11 -24.94
C TYR C 55 -26.19 -1.23 -25.61
N HIS C 56 -26.16 -1.15 -26.94
CA HIS C 56 -24.91 -1.25 -27.70
C HIS C 56 -23.90 -0.19 -27.27
N ILE C 57 -24.40 1.02 -27.10
CA ILE C 57 -23.57 2.13 -26.68
C ILE C 57 -22.90 1.84 -25.34
N TYR C 58 -23.70 1.52 -24.33
CA TYR C 58 -23.18 1.24 -22.99
C TYR C 58 -22.32 -0.01 -22.87
N VAL C 59 -22.63 -1.03 -23.66
CA VAL C 59 -21.82 -2.25 -23.62
C VAL C 59 -20.40 -1.88 -24.01
N ALA C 60 -20.28 -1.12 -25.09
CA ALA C 60 -19.00 -0.66 -25.61
C ALA C 60 -18.28 0.30 -24.67
N LEU C 61 -19.02 1.29 -24.16
CA LEU C 61 -18.45 2.28 -23.25
C LEU C 61 -17.92 1.63 -21.98
N GLU C 62 -18.74 0.81 -21.34
CA GLU C 62 -18.35 0.20 -20.09
C GLU C 62 -17.26 -0.87 -20.27
N GLU C 63 -17.20 -1.46 -21.45
CA GLU C 63 -16.14 -2.44 -21.72
C GLU C 63 -14.82 -1.64 -21.69
N GLU C 64 -14.82 -0.48 -22.36
CA GLU C 64 -13.62 0.34 -22.41
C GLU C 64 -13.28 1.02 -21.09
N ILE C 65 -14.30 1.39 -20.31
CA ILE C 65 -14.03 1.99 -19.02
C ILE C 65 -13.30 0.94 -18.19
N GLU C 66 -13.81 -0.28 -18.17
CA GLU C 66 -13.19 -1.37 -17.42
C GLU C 66 -11.73 -1.58 -17.84
N ARG C 67 -11.47 -1.45 -19.14
CA ARG C 67 -10.12 -1.62 -19.65
C ARG C 67 -9.17 -0.53 -19.19
N ASN C 68 -9.66 0.69 -18.99
CA ASN C 68 -8.79 1.78 -18.57
C ASN C 68 -9.03 2.31 -17.16
N LYS C 69 -9.81 1.58 -16.36
CA LYS C 69 -10.17 2.05 -15.02
C LYS C 69 -9.05 2.40 -14.04
N GLU C 70 -7.89 1.77 -14.18
CA GLU C 70 -6.78 2.03 -13.27
C GLU C 70 -5.85 3.13 -13.74
N SER C 71 -6.03 3.58 -14.97
CA SER C 71 -5.19 4.65 -15.50
C SER C 71 -5.61 6.04 -14.98
N PRO C 72 -4.63 6.89 -14.65
CA PRO C 72 -4.95 8.23 -14.15
C PRO C 72 -5.79 9.08 -15.11
N VAL C 73 -5.80 8.72 -16.38
CA VAL C 73 -6.59 9.48 -17.36
C VAL C 73 -8.09 9.23 -17.20
N PHE C 74 -8.46 8.21 -16.44
CA PHE C 74 -9.87 7.91 -16.22
C PHE C 74 -10.20 7.58 -14.77
N ALA C 75 -9.22 7.05 -14.04
CA ALA C 75 -9.40 6.67 -12.65
C ALA C 75 -10.26 7.65 -11.82
N PRO C 76 -9.92 8.96 -11.84
CA PRO C 76 -10.70 9.95 -11.08
C PRO C 76 -12.22 9.96 -11.29
N VAL C 77 -12.69 9.63 -12.50
CA VAL C 77 -14.13 9.62 -12.79
C VAL C 77 -14.68 8.19 -12.91
N TYR C 78 -14.01 7.23 -12.28
CA TYR C 78 -14.43 5.84 -12.31
C TYR C 78 -15.41 5.58 -11.16
N PHE C 79 -16.69 5.47 -11.51
CA PHE C 79 -17.77 5.25 -10.55
C PHE C 79 -18.63 4.10 -11.04
N PRO C 80 -18.10 2.86 -10.96
CA PRO C 80 -18.80 1.67 -11.42
C PRO C 80 -20.18 1.40 -10.80
N GLU C 81 -20.25 1.37 -9.47
CA GLU C 81 -21.51 1.09 -8.82
C GLU C 81 -22.55 2.19 -9.01
N GLU C 82 -22.14 3.44 -8.88
CA GLU C 82 -23.07 4.55 -9.05
C GLU C 82 -23.63 4.69 -10.47
N LEU C 83 -22.85 4.37 -11.48
CA LEU C 83 -23.31 4.59 -12.86
C LEU C 83 -23.54 3.46 -13.85
N HIS C 84 -22.89 2.30 -13.69
CA HIS C 84 -23.05 1.23 -14.67
C HIS C 84 -24.50 1.05 -15.09
N ARG C 85 -24.71 1.01 -16.40
CA ARG C 85 -26.06 0.89 -16.97
C ARG C 85 -26.34 -0.38 -17.79
N LYS C 86 -25.30 -1.13 -18.16
CA LYS C 86 -25.46 -2.33 -18.96
C LYS C 86 -26.44 -3.36 -18.40
N ALA C 87 -26.28 -3.72 -17.13
CA ALA C 87 -27.16 -4.69 -16.50
C ALA C 87 -28.62 -4.23 -16.56
N ALA C 88 -28.85 -2.94 -16.33
CA ALA C 88 -30.21 -2.41 -16.38
C ALA C 88 -30.76 -2.54 -17.80
N LEU C 89 -29.94 -2.18 -18.77
CA LEU C 89 -30.35 -2.27 -20.16
C LEU C 89 -30.62 -3.69 -20.58
N GLU C 90 -29.90 -4.63 -19.98
CA GLU C 90 -30.09 -6.03 -20.29
C GLU C 90 -31.46 -6.45 -19.76
N GLN C 91 -31.77 -6.00 -18.53
CA GLN C 91 -33.05 -6.33 -17.90
C GLN C 91 -34.19 -5.78 -18.76
N ASP C 92 -34.08 -4.52 -19.14
CA ASP C 92 -35.11 -3.86 -19.95
C ASP C 92 -35.36 -4.54 -21.28
N LEU C 93 -34.30 -4.90 -21.99
CA LEU C 93 -34.45 -5.56 -23.28
C LEU C 93 -35.13 -6.91 -23.17
N ALA C 94 -34.90 -7.62 -22.06
CA ALA C 94 -35.53 -8.91 -21.86
C ALA C 94 -37.04 -8.68 -21.74
N PHE C 95 -37.42 -7.47 -21.35
CA PHE C 95 -38.83 -7.14 -21.24
C PHE C 95 -39.41 -6.72 -22.59
N TRP C 96 -38.71 -5.84 -23.29
CA TRP C 96 -39.18 -5.35 -24.58
C TRP C 96 -38.99 -6.27 -25.78
N TYR C 97 -37.98 -7.14 -25.74
CA TYR C 97 -37.74 -8.05 -26.86
C TYR C 97 -37.89 -9.53 -26.51
N GLY C 98 -38.45 -9.82 -25.36
CA GLY C 98 -38.62 -11.22 -24.98
C GLY C 98 -37.32 -11.89 -24.56
N PRO C 99 -37.39 -13.18 -24.19
CA PRO C 99 -36.24 -13.98 -23.75
C PRO C 99 -35.15 -14.13 -24.81
N ARG C 100 -35.50 -13.97 -26.08
CA ARG C 100 -34.53 -14.12 -27.14
C ARG C 100 -34.07 -12.77 -27.68
N TRP C 101 -34.04 -11.77 -26.80
CA TRP C 101 -33.63 -10.43 -27.20
C TRP C 101 -32.23 -10.36 -27.80
N GLN C 102 -31.26 -11.01 -27.18
CA GLN C 102 -29.89 -10.97 -27.67
C GLN C 102 -29.78 -11.31 -29.16
N GLU C 103 -30.66 -12.18 -29.64
CA GLU C 103 -30.58 -12.55 -31.05
C GLU C 103 -31.60 -11.84 -31.94
N VAL C 104 -32.47 -11.04 -31.33
CA VAL C 104 -33.48 -10.33 -32.12
C VAL C 104 -33.25 -8.82 -32.20
N ILE C 105 -32.66 -8.23 -31.17
CA ILE C 105 -32.43 -6.78 -31.17
C ILE C 105 -31.69 -6.31 -32.40
N PRO C 106 -32.03 -5.11 -32.89
CA PRO C 106 -31.37 -4.55 -34.07
C PRO C 106 -30.01 -3.97 -33.75
N TYR C 107 -29.17 -3.87 -34.78
CA TYR C 107 -27.84 -3.29 -34.64
C TYR C 107 -27.55 -2.56 -35.94
N THR C 108 -28.17 -1.39 -36.07
CA THR C 108 -28.05 -0.53 -37.25
C THR C 108 -26.69 0.14 -37.43
N PRO C 109 -26.40 0.62 -38.65
CA PRO C 109 -25.13 1.29 -38.99
C PRO C 109 -24.74 2.41 -38.02
N ALA C 110 -25.68 3.29 -37.69
CA ALA C 110 -25.41 4.40 -36.78
C ALA C 110 -24.98 3.88 -35.41
N MET C 111 -25.64 2.84 -34.93
CA MET C 111 -25.28 2.27 -33.66
C MET C 111 -23.82 1.78 -33.80
N GLN C 112 -23.56 1.12 -34.92
CA GLN C 112 -22.22 0.58 -35.19
C GLN C 112 -21.14 1.65 -35.22
N ARG C 113 -21.46 2.82 -35.76
CA ARG C 113 -20.49 3.91 -35.84
C ARG C 113 -20.14 4.38 -34.45
N TYR C 114 -21.15 4.45 -33.60
CA TYR C 114 -20.99 4.91 -32.24
C TYR C 114 -20.06 3.95 -31.50
N VAL C 115 -20.44 2.67 -31.49
CA VAL C 115 -19.66 1.62 -30.83
C VAL C 115 -18.21 1.62 -31.32
N LYS C 116 -18.03 1.67 -32.64
CA LYS C 116 -16.70 1.67 -33.22
C LYS C 116 -15.84 2.81 -32.65
N ARG C 117 -16.42 4.00 -32.51
CA ARG C 117 -15.65 5.13 -31.98
C ARG C 117 -15.32 4.90 -30.52
N LEU C 118 -16.28 4.34 -29.79
CA LEU C 118 -16.07 4.05 -28.38
C LEU C 118 -14.84 3.16 -28.22
N HIS C 119 -14.78 2.07 -28.97
CA HIS C 119 -13.64 1.15 -28.90
C HIS C 119 -12.34 1.76 -29.37
N GLU C 120 -12.38 2.53 -30.45
CA GLU C 120 -11.17 3.18 -30.96
C GLU C 120 -10.61 4.06 -29.85
N VAL C 121 -11.48 4.84 -29.21
CA VAL C 121 -11.09 5.72 -28.13
C VAL C 121 -10.49 4.92 -26.96
N GLY C 122 -11.24 3.92 -26.49
CA GLY C 122 -10.77 3.14 -25.37
C GLY C 122 -9.47 2.40 -25.64
N ARG C 123 -9.29 1.93 -26.87
CA ARG C 123 -8.10 1.18 -27.24
C ARG C 123 -6.84 2.03 -27.42
N THR C 124 -6.92 3.10 -28.21
CA THR C 124 -5.74 3.91 -28.47
C THR C 124 -5.73 5.36 -27.97
N GLU C 125 -6.86 5.86 -27.46
CA GLU C 125 -6.90 7.23 -26.96
C GLU C 125 -7.76 7.27 -25.70
N PRO C 126 -7.43 6.43 -24.71
CA PRO C 126 -8.19 6.35 -23.46
C PRO C 126 -8.37 7.67 -22.73
N GLU C 127 -7.45 8.62 -22.96
CA GLU C 127 -7.52 9.93 -22.31
C GLU C 127 -8.77 10.68 -22.72
N LEU C 128 -9.37 10.27 -23.83
CA LEU C 128 -10.57 10.94 -24.33
C LEU C 128 -11.84 10.25 -23.90
N LEU C 129 -11.70 9.14 -23.19
CA LEU C 129 -12.84 8.36 -22.73
C LEU C 129 -13.79 9.18 -21.86
N VAL C 130 -13.22 9.99 -20.98
CA VAL C 130 -14.00 10.84 -20.07
C VAL C 130 -14.99 11.73 -20.83
N ALA C 131 -14.65 12.08 -22.07
CA ALA C 131 -15.53 12.90 -22.89
C ALA C 131 -16.85 12.19 -23.11
N HIS C 132 -16.81 10.89 -23.34
CA HIS C 132 -18.00 10.11 -23.55
C HIS C 132 -18.74 9.78 -22.24
N ALA C 133 -18.01 9.35 -21.22
CA ALA C 133 -18.64 9.01 -19.93
C ALA C 133 -19.39 10.20 -19.36
N TYR C 134 -18.75 11.36 -19.35
CA TYR C 134 -19.36 12.57 -18.84
C TYR C 134 -20.67 12.90 -19.57
N THR C 135 -20.61 13.02 -20.89
CA THR C 135 -21.80 13.35 -21.66
C THR C 135 -22.88 12.26 -21.64
N ARG C 136 -22.50 10.99 -21.75
CA ARG C 136 -23.49 9.90 -21.72
C ARG C 136 -24.11 9.75 -20.33
N TYR C 137 -23.29 9.43 -19.33
CA TYR C 137 -23.78 9.24 -17.96
C TYR C 137 -24.52 10.43 -17.36
N LEU C 138 -23.82 11.53 -17.17
CA LEU C 138 -24.43 12.71 -16.59
C LEU C 138 -25.62 13.16 -17.42
N GLY C 139 -25.48 13.08 -18.74
CA GLY C 139 -26.57 13.45 -19.62
C GLY C 139 -27.81 12.62 -19.35
N ASP C 140 -27.67 11.29 -19.36
CA ASP C 140 -28.80 10.39 -19.11
C ASP C 140 -29.30 10.46 -17.67
N LEU C 141 -28.39 10.75 -16.75
CA LEU C 141 -28.74 10.85 -15.34
C LEU C 141 -29.64 12.08 -15.13
N SER C 142 -29.27 13.19 -15.75
CA SER C 142 -30.03 14.44 -15.62
C SER C 142 -31.38 14.45 -16.32
N GLY C 143 -31.50 13.75 -17.45
CA GLY C 143 -32.76 13.76 -18.17
C GLY C 143 -33.57 12.48 -18.12
N GLY C 144 -33.13 11.54 -17.29
CA GLY C 144 -33.84 10.28 -17.18
C GLY C 144 -35.27 10.33 -16.65
N GLN C 145 -35.45 10.91 -15.46
CA GLN C 145 -36.76 11.00 -14.85
C GLN C 145 -37.80 11.57 -15.79
N VAL C 146 -37.47 12.67 -16.47
CA VAL C 146 -38.41 13.30 -17.41
C VAL C 146 -38.77 12.33 -18.53
N LEU C 147 -37.78 11.60 -19.03
CA LEU C 147 -38.04 10.64 -20.10
C LEU C 147 -38.79 9.41 -19.60
N LYS C 148 -38.49 8.99 -18.38
CA LYS C 148 -39.16 7.82 -17.81
C LYS C 148 -40.66 8.09 -17.70
N LYS C 149 -41.03 9.30 -17.26
CA LYS C 149 -42.43 9.68 -17.14
C LYS C 149 -43.11 9.68 -18.50
N ILE C 150 -42.47 10.32 -19.48
CA ILE C 150 -43.01 10.39 -20.82
C ILE C 150 -43.28 9.00 -21.40
N ALA C 151 -42.32 8.10 -21.24
CA ALA C 151 -42.46 6.74 -21.74
C ALA C 151 -43.59 6.00 -21.04
N GLN C 152 -43.81 6.33 -19.76
CA GLN C 152 -44.86 5.68 -19.00
C GLN C 152 -46.26 6.13 -19.46
N LYS C 153 -46.41 7.41 -19.70
CA LYS C 153 -47.70 7.94 -20.14
C LYS C 153 -47.99 7.75 -21.62
N ALA C 154 -46.99 7.35 -22.39
CA ALA C 154 -47.19 7.16 -23.83
C ALA C 154 -46.99 5.73 -24.32
N LEU C 155 -46.64 4.81 -23.42
CA LEU C 155 -46.41 3.43 -23.84
C LEU C 155 -47.32 2.42 -23.15
N ASP C 156 -48.13 2.89 -22.20
CA ASP C 156 -49.05 2.01 -21.49
C ASP C 156 -48.43 0.66 -21.14
N LEU C 157 -47.68 0.61 -20.05
CA LEU C 157 -47.04 -0.63 -19.61
C LEU C 157 -47.89 -1.38 -18.60
N PRO C 158 -47.69 -2.71 -18.51
CA PRO C 158 -48.41 -3.58 -17.59
C PRO C 158 -47.86 -3.40 -16.17
N SER C 159 -48.40 -4.13 -15.21
CA SER C 159 -47.92 -4.06 -13.85
C SER C 159 -46.89 -5.17 -13.62
N SER C 160 -46.13 -5.46 -14.67
CA SER C 160 -45.10 -6.50 -14.63
C SER C 160 -43.83 -6.05 -13.92
N GLY C 161 -43.80 -4.78 -13.52
CA GLY C 161 -42.65 -4.24 -12.81
C GLY C 161 -41.29 -4.36 -13.48
N GLU C 162 -41.23 -4.14 -14.79
CA GLU C 162 -39.97 -4.22 -15.51
C GLU C 162 -40.04 -3.51 -16.86
N GLY C 163 -38.88 -3.14 -17.39
CA GLY C 163 -38.83 -2.48 -18.67
C GLY C 163 -38.25 -1.07 -18.64
N LEU C 164 -38.10 -0.49 -17.46
CA LEU C 164 -37.56 0.86 -17.35
C LEU C 164 -36.43 0.96 -16.34
N ALA C 165 -35.76 -0.15 -16.06
CA ALA C 165 -34.66 -0.14 -15.11
C ALA C 165 -33.61 0.90 -15.50
N PHE C 166 -33.38 1.06 -16.80
CA PHE C 166 -32.39 2.01 -17.27
C PHE C 166 -32.54 3.40 -16.70
N PHE C 167 -33.78 3.82 -16.48
CA PHE C 167 -34.06 5.14 -15.98
C PHE C 167 -33.91 5.37 -14.48
N THR C 168 -33.31 4.41 -13.80
CA THR C 168 -33.08 4.57 -12.38
C THR C 168 -31.66 4.12 -11.99
N PHE C 169 -30.91 5.03 -11.39
CA PHE C 169 -29.57 4.74 -10.90
C PHE C 169 -29.79 4.54 -9.39
N PRO C 170 -29.99 3.28 -8.96
CA PRO C 170 -30.22 2.93 -7.56
C PRO C 170 -29.09 3.24 -6.58
N ASN C 171 -27.88 3.37 -7.10
CA ASN C 171 -26.76 3.65 -6.22
C ASN C 171 -26.43 5.12 -6.09
N ILE C 172 -27.31 5.96 -6.63
CA ILE C 172 -27.17 7.42 -6.55
C ILE C 172 -28.45 7.99 -5.91
N ALA C 173 -28.33 8.41 -4.65
CA ALA C 173 -29.46 8.96 -3.90
C ALA C 173 -29.83 10.37 -4.37
N SER C 174 -28.82 11.15 -4.75
CA SER C 174 -29.04 12.51 -5.23
C SER C 174 -28.31 12.79 -6.52
N ALA C 175 -29.07 12.97 -7.60
CA ALA C 175 -28.48 13.26 -8.90
C ALA C 175 -27.66 14.54 -8.83
N THR C 176 -28.20 15.55 -8.15
CA THR C 176 -27.52 16.84 -8.02
C THR C 176 -26.19 16.73 -7.28
N LYS C 177 -26.19 16.04 -6.15
CA LYS C 177 -24.95 15.89 -5.40
C LYS C 177 -23.92 15.02 -6.14
N PHE C 178 -24.39 14.04 -6.91
CA PHE C 178 -23.47 13.18 -7.64
C PHE C 178 -22.82 13.97 -8.76
N LYS C 179 -23.61 14.81 -9.42
CA LYS C 179 -23.11 15.65 -10.50
C LYS C 179 -21.99 16.54 -9.98
N GLN C 180 -22.21 17.13 -8.81
CA GLN C 180 -21.19 17.99 -8.21
C GLN C 180 -19.89 17.22 -8.01
N LEU C 181 -20.00 16.01 -7.48
CA LEU C 181 -18.81 15.17 -7.25
C LEU C 181 -18.11 14.87 -8.56
N TYR C 182 -18.87 14.37 -9.53
CA TYR C 182 -18.28 14.03 -10.82
C TYR C 182 -17.60 15.22 -11.49
N ARG C 183 -18.18 16.40 -11.40
CA ARG C 183 -17.54 17.56 -12.00
C ARG C 183 -16.19 17.86 -11.36
N SER C 184 -16.13 17.81 -10.04
CA SER C 184 -14.90 18.08 -9.33
C SER C 184 -13.82 17.07 -9.75
N ARG C 185 -14.19 15.80 -9.82
CA ARG C 185 -13.27 14.74 -10.22
C ARG C 185 -12.77 14.97 -11.65
N MET C 186 -13.69 15.25 -12.56
CA MET C 186 -13.33 15.52 -13.94
C MET C 186 -12.47 16.78 -14.06
N ASN C 187 -12.73 17.78 -13.22
CA ASN C 187 -11.95 19.02 -13.25
C ASN C 187 -10.60 18.87 -12.56
N SER C 188 -10.35 17.69 -12.00
CA SER C 188 -9.09 17.43 -11.32
C SER C 188 -8.18 16.60 -12.23
N LEU C 189 -8.75 16.07 -13.31
CA LEU C 189 -8.00 15.26 -14.27
C LEU C 189 -6.84 16.05 -14.85
N GLU C 190 -5.66 15.45 -14.88
CA GLU C 190 -4.49 16.12 -15.45
C GLU C 190 -4.45 15.98 -16.96
N MET C 191 -4.24 17.08 -17.66
CA MET C 191 -4.15 17.05 -19.12
C MET C 191 -3.58 18.33 -19.71
N THR C 192 -2.74 18.16 -20.73
CA THR C 192 -2.10 19.27 -21.43
C THR C 192 -3.14 19.97 -22.28
N PRO C 193 -2.82 21.18 -22.77
CA PRO C 193 -3.74 21.95 -23.61
C PRO C 193 -4.17 21.16 -24.84
N ALA C 194 -3.26 20.39 -25.39
CA ALA C 194 -3.55 19.58 -26.57
C ALA C 194 -4.55 18.47 -26.22
N VAL C 195 -4.25 17.72 -25.17
CA VAL C 195 -5.16 16.65 -24.75
C VAL C 195 -6.51 17.24 -24.40
N ARG C 196 -6.50 18.35 -23.64
CA ARG C 196 -7.74 19.02 -23.24
C ARG C 196 -8.55 19.41 -24.47
N GLN C 197 -7.86 19.90 -25.50
CA GLN C 197 -8.53 20.31 -26.72
C GLN C 197 -9.13 19.09 -27.40
N ARG C 198 -8.41 17.97 -27.34
CA ARG C 198 -8.92 16.75 -27.94
C ARG C 198 -10.10 16.24 -27.13
N VAL C 199 -10.05 16.42 -25.81
CA VAL C 199 -11.15 16.01 -24.97
C VAL C 199 -12.39 16.82 -25.34
N ILE C 200 -12.23 18.13 -25.42
CA ILE C 200 -13.35 19.00 -25.79
C ILE C 200 -13.97 18.52 -27.09
N GLU C 201 -13.11 18.25 -28.07
CA GLU C 201 -13.54 17.81 -29.38
C GLU C 201 -14.24 16.45 -29.33
N GLU C 202 -13.71 15.54 -28.52
CA GLU C 202 -14.33 14.23 -28.39
C GLU C 202 -15.73 14.41 -27.80
N ALA C 203 -15.90 15.43 -26.96
CA ALA C 203 -17.22 15.71 -26.39
C ALA C 203 -18.15 16.05 -27.56
N LYS C 204 -17.65 16.84 -28.50
CA LYS C 204 -18.43 17.21 -29.69
C LYS C 204 -18.73 15.94 -30.47
N THR C 205 -17.70 15.13 -30.66
CA THR C 205 -17.84 13.86 -31.37
C THR C 205 -19.01 13.08 -30.76
N ALA C 206 -19.06 13.00 -29.43
CA ALA C 206 -20.14 12.29 -28.76
C ALA C 206 -21.52 12.79 -29.22
N PHE C 207 -21.75 14.10 -29.14
CA PHE C 207 -23.03 14.66 -29.54
C PHE C 207 -23.36 14.39 -31.00
N LEU C 208 -22.36 14.52 -31.87
CA LEU C 208 -22.56 14.26 -33.30
C LEU C 208 -23.02 12.82 -33.53
N LEU C 209 -22.33 11.86 -32.91
CA LEU C 209 -22.69 10.45 -33.07
C LEU C 209 -24.13 10.23 -32.65
N ASN C 210 -24.57 10.98 -31.64
CA ASN C 210 -25.94 10.87 -31.16
C ASN C 210 -26.91 11.53 -32.13
N ILE C 211 -26.49 12.64 -32.73
CA ILE C 211 -27.34 13.33 -33.69
C ILE C 211 -27.57 12.39 -34.87
N GLN C 212 -26.49 11.79 -35.36
CA GLN C 212 -26.56 10.86 -36.49
C GLN C 212 -27.38 9.61 -36.16
N LEU C 213 -27.46 9.27 -34.89
CA LEU C 213 -28.24 8.11 -34.46
C LEU C 213 -29.73 8.45 -34.43
N PHE C 214 -30.08 9.64 -33.95
CA PHE C 214 -31.47 10.06 -33.89
C PHE C 214 -32.06 10.13 -35.30
N GLU C 215 -31.33 10.76 -36.21
CA GLU C 215 -31.77 10.87 -37.59
C GLU C 215 -31.99 9.50 -38.21
N GLU C 216 -31.11 8.55 -37.93
CA GLU C 216 -31.27 7.20 -38.46
C GLU C 216 -32.53 6.56 -37.90
N LEU C 217 -32.74 6.73 -36.61
CA LEU C 217 -33.91 6.13 -35.97
C LEU C 217 -35.21 6.65 -36.59
N GLN C 218 -35.27 7.96 -36.83
CA GLN C 218 -36.45 8.58 -37.41
C GLN C 218 -36.79 8.04 -38.79
N GLU C 219 -35.77 7.91 -39.64
CA GLU C 219 -35.97 7.39 -40.98
C GLU C 219 -36.58 5.99 -40.89
N LEU C 220 -35.91 5.13 -40.13
CA LEU C 220 -36.37 3.76 -39.94
C LEU C 220 -37.83 3.72 -39.51
N LEU C 221 -38.21 4.62 -38.62
CA LEU C 221 -39.59 4.69 -38.13
C LEU C 221 -40.54 5.23 -39.20
N THR C 222 -39.96 5.85 -40.23
CA THR C 222 -40.73 6.42 -41.32
C THR C 222 -40.32 5.73 -42.62
N HIS C 223 -40.06 4.43 -42.52
CA HIS C 223 -39.66 3.64 -43.67
C HIS C 223 -40.53 2.39 -43.79
N GLN D 11 -23.70 -40.58 -6.83
CA GLN D 11 -22.48 -40.27 -7.65
C GLN D 11 -22.45 -38.79 -8.05
N ASP D 12 -23.04 -38.44 -9.19
CA ASP D 12 -23.05 -37.03 -9.62
C ASP D 12 -23.46 -36.13 -8.45
N LEU D 13 -22.60 -35.17 -8.11
CA LEU D 13 -22.86 -34.26 -7.00
C LEU D 13 -24.28 -33.69 -6.98
N SER D 14 -24.80 -33.36 -8.15
CA SER D 14 -26.15 -32.80 -8.25
C SER D 14 -27.21 -33.74 -7.68
N GLU D 15 -27.12 -35.01 -8.02
CA GLU D 15 -28.09 -35.98 -7.52
C GLU D 15 -27.98 -36.12 -6.00
N ALA D 16 -26.75 -36.25 -5.52
CA ALA D 16 -26.50 -36.38 -4.09
C ALA D 16 -27.15 -35.22 -3.33
N LEU D 17 -26.90 -34.01 -3.81
CA LEU D 17 -27.45 -32.80 -3.19
C LEU D 17 -28.96 -32.87 -3.15
N LYS D 18 -29.56 -33.08 -4.32
CA LYS D 18 -31.00 -33.18 -4.45
C LYS D 18 -31.56 -34.19 -3.46
N GLU D 19 -30.88 -35.33 -3.36
CA GLU D 19 -31.31 -36.38 -2.45
C GLU D 19 -31.23 -35.99 -0.98
N ALA D 20 -30.07 -35.51 -0.56
CA ALA D 20 -29.84 -35.11 0.83
C ALA D 20 -30.66 -33.91 1.30
N THR D 21 -31.05 -33.05 0.37
CA THR D 21 -31.81 -31.86 0.75
C THR D 21 -33.31 -31.96 0.48
N LYS D 22 -33.73 -33.09 -0.10
CA LYS D 22 -35.13 -33.32 -0.41
C LYS D 22 -36.04 -32.92 0.77
N GLU D 23 -35.72 -33.41 1.96
CA GLU D 23 -36.50 -33.12 3.17
C GLU D 23 -36.53 -31.63 3.52
N VAL D 24 -35.36 -31.05 3.79
CA VAL D 24 -35.27 -29.64 4.15
C VAL D 24 -35.82 -28.73 3.05
N HIS D 25 -35.78 -29.21 1.81
CA HIS D 25 -36.27 -28.44 0.68
C HIS D 25 -37.79 -28.42 0.73
N THR D 26 -38.35 -29.22 1.64
CA THR D 26 -39.79 -29.28 1.81
C THR D 26 -40.21 -28.44 3.00
N GLN D 27 -39.43 -28.51 4.07
CA GLN D 27 -39.72 -27.73 5.27
C GLN D 27 -39.54 -26.24 5.03
N ALA D 28 -38.50 -25.90 4.27
CA ALA D 28 -38.20 -24.50 3.96
C ALA D 28 -39.25 -23.95 3.02
N GLU D 29 -39.77 -24.82 2.15
CA GLU D 29 -40.80 -24.40 1.18
C GLU D 29 -42.18 -24.30 1.80
N ASN D 30 -42.43 -25.08 2.84
CA ASN D 30 -43.74 -25.03 3.49
C ASN D 30 -43.76 -24.08 4.68
N ALA D 31 -42.66 -23.36 4.88
CA ALA D 31 -42.57 -22.40 5.97
C ALA D 31 -43.73 -21.41 5.82
N GLU D 32 -44.19 -20.86 6.93
CA GLU D 32 -45.30 -19.92 6.92
C GLU D 32 -45.20 -18.86 5.83
N PHE D 33 -44.06 -18.19 5.76
CA PHE D 33 -43.88 -17.15 4.75
C PHE D 33 -43.99 -17.68 3.32
N MET D 34 -43.13 -18.62 2.96
CA MET D 34 -43.13 -19.19 1.62
C MET D 34 -44.46 -19.83 1.26
N ARG D 35 -45.05 -20.54 2.22
CA ARG D 35 -46.33 -21.21 2.01
C ARG D 35 -47.39 -20.21 1.58
N ASN D 36 -47.53 -19.13 2.33
CA ASN D 36 -48.51 -18.09 2.02
C ASN D 36 -48.17 -17.41 0.70
N PHE D 37 -46.89 -17.07 0.53
CA PHE D 37 -46.42 -16.40 -0.68
C PHE D 37 -46.66 -17.27 -1.91
N GLN D 38 -46.24 -18.54 -1.82
CA GLN D 38 -46.41 -19.46 -2.93
C GLN D 38 -47.90 -19.63 -3.20
N LYS D 39 -48.71 -19.45 -2.16
CA LYS D 39 -50.16 -19.58 -2.27
C LYS D 39 -50.85 -18.27 -2.68
N GLY D 40 -50.10 -17.17 -2.70
CA GLY D 40 -50.67 -15.91 -3.10
C GLY D 40 -50.76 -14.87 -2.00
N GLN D 41 -50.74 -15.31 -0.74
CA GLN D 41 -50.81 -14.40 0.39
C GLN D 41 -49.48 -13.71 0.67
N VAL D 42 -49.36 -12.46 0.25
CA VAL D 42 -48.15 -11.68 0.48
C VAL D 42 -48.45 -10.18 0.51
N THR D 43 -48.07 -9.54 1.61
CA THR D 43 -48.27 -8.10 1.78
C THR D 43 -47.02 -7.36 1.35
N ARG D 44 -47.19 -6.12 0.88
CA ARG D 44 -46.06 -5.34 0.45
C ARG D 44 -44.96 -5.38 1.50
N ASP D 45 -45.35 -5.37 2.77
CA ASP D 45 -44.39 -5.40 3.87
C ASP D 45 -43.61 -6.71 3.88
N GLY D 46 -44.28 -7.80 3.52
CA GLY D 46 -43.62 -9.08 3.49
C GLY D 46 -42.70 -9.12 2.29
N PHE D 47 -43.27 -8.88 1.11
CA PHE D 47 -42.50 -8.88 -0.12
C PHE D 47 -41.25 -8.01 0.02
N LYS D 48 -41.42 -6.84 0.62
CA LYS D 48 -40.30 -5.93 0.81
C LYS D 48 -39.26 -6.51 1.77
N LEU D 49 -39.71 -7.24 2.78
CA LEU D 49 -38.80 -7.84 3.76
C LEU D 49 -37.94 -8.94 3.14
N VAL D 50 -38.51 -9.73 2.24
CA VAL D 50 -37.76 -10.80 1.60
C VAL D 50 -36.82 -10.19 0.57
N MET D 51 -37.32 -9.18 -0.15
CA MET D 51 -36.52 -8.51 -1.16
C MET D 51 -35.30 -7.90 -0.49
N ALA D 52 -35.50 -7.32 0.68
CA ALA D 52 -34.40 -6.73 1.42
C ALA D 52 -33.46 -7.86 1.83
N SER D 53 -34.04 -9.01 2.17
CA SER D 53 -33.26 -10.17 2.57
C SER D 53 -32.48 -10.71 1.38
N LEU D 54 -33.17 -10.96 0.27
CA LEU D 54 -32.51 -11.46 -0.92
C LEU D 54 -31.29 -10.58 -1.21
N TYR D 55 -31.49 -9.26 -1.12
CA TYR D 55 -30.43 -8.29 -1.35
C TYR D 55 -29.23 -8.52 -0.43
N HIS D 56 -29.47 -8.69 0.87
CA HIS D 56 -28.36 -8.93 1.77
C HIS D 56 -27.68 -10.27 1.44
N ILE D 57 -28.51 -11.27 1.14
CA ILE D 57 -28.00 -12.60 0.79
C ILE D 57 -27.10 -12.53 -0.44
N TYR D 58 -27.69 -12.08 -1.55
CA TYR D 58 -26.95 -11.97 -2.79
C TYR D 58 -25.72 -11.09 -2.68
N VAL D 59 -25.81 -10.00 -1.92
CA VAL D 59 -24.65 -9.14 -1.76
C VAL D 59 -23.51 -9.96 -1.13
N ALA D 60 -23.81 -10.71 -0.09
CA ALA D 60 -22.79 -11.52 0.58
C ALA D 60 -22.31 -12.66 -0.32
N LEU D 61 -23.26 -13.37 -0.92
CA LEU D 61 -22.97 -14.50 -1.80
C LEU D 61 -22.04 -14.10 -2.95
N GLU D 62 -22.47 -13.10 -3.72
CA GLU D 62 -21.67 -12.66 -4.86
C GLU D 62 -20.36 -12.00 -4.44
N GLU D 63 -20.31 -11.45 -3.23
CA GLU D 63 -19.07 -10.85 -2.77
C GLU D 63 -18.05 -11.96 -2.54
N GLU D 64 -18.50 -13.05 -1.93
CA GLU D 64 -17.63 -14.18 -1.67
C GLU D 64 -17.23 -14.89 -2.96
N ILE D 65 -18.16 -14.96 -3.91
CA ILE D 65 -17.90 -15.60 -5.19
C ILE D 65 -16.78 -14.84 -5.92
N GLU D 66 -16.84 -13.52 -5.91
CA GLU D 66 -15.82 -12.71 -6.58
C GLU D 66 -14.50 -12.90 -5.86
N ARG D 67 -14.56 -13.20 -4.58
CA ARG D 67 -13.34 -13.42 -3.81
C ARG D 67 -12.67 -14.73 -4.26
N ASN D 68 -13.46 -15.75 -4.55
CA ASN D 68 -12.89 -17.04 -4.94
C ASN D 68 -13.22 -17.49 -6.37
N LYS D 69 -13.60 -16.57 -7.24
CA LYS D 69 -13.94 -16.95 -8.60
C LYS D 69 -12.83 -17.68 -9.35
N GLU D 70 -11.58 -17.31 -9.07
CA GLU D 70 -10.45 -17.94 -9.75
C GLU D 70 -9.94 -19.20 -9.08
N SER D 71 -10.44 -19.49 -7.89
CA SER D 71 -10.03 -20.69 -7.18
C SER D 71 -10.68 -21.92 -7.80
N PRO D 72 -9.90 -22.98 -8.03
CA PRO D 72 -10.40 -24.22 -8.62
C PRO D 72 -11.63 -24.77 -7.92
N VAL D 73 -11.77 -24.48 -6.63
CA VAL D 73 -12.92 -24.97 -5.87
C VAL D 73 -14.23 -24.32 -6.31
N PHE D 74 -14.14 -23.22 -7.04
CA PHE D 74 -15.35 -22.54 -7.50
C PHE D 74 -15.36 -22.19 -8.98
N ALA D 75 -14.18 -21.87 -9.54
CA ALA D 75 -14.07 -21.47 -10.95
C ALA D 75 -15.03 -22.15 -11.93
N PRO D 76 -15.06 -23.49 -11.97
CA PRO D 76 -15.94 -24.20 -12.90
C PRO D 76 -17.43 -23.83 -12.86
N VAL D 77 -17.91 -23.25 -11.77
CA VAL D 77 -19.31 -22.88 -11.71
C VAL D 77 -19.49 -21.37 -11.67
N TYR D 78 -18.46 -20.65 -12.09
CA TYR D 78 -18.49 -19.18 -12.11
C TYR D 78 -19.13 -18.70 -13.42
N PHE D 79 -20.37 -18.19 -13.30
CA PHE D 79 -21.12 -17.68 -14.44
C PHE D 79 -21.66 -16.31 -14.04
N PRO D 80 -20.78 -15.32 -13.90
CA PRO D 80 -21.18 -13.96 -13.51
C PRO D 80 -22.28 -13.28 -14.33
N GLU D 81 -22.05 -13.13 -15.63
CA GLU D 81 -23.02 -12.47 -16.50
C GLU D 81 -24.41 -13.09 -16.50
N GLU D 82 -24.47 -14.42 -16.53
CA GLU D 82 -25.76 -15.10 -16.56
C GLU D 82 -26.51 -15.11 -15.23
N LEU D 83 -25.79 -15.14 -14.11
CA LEU D 83 -26.46 -15.23 -12.83
C LEU D 83 -26.49 -14.07 -11.85
N HIS D 84 -25.54 -13.14 -11.90
CA HIS D 84 -25.54 -12.04 -10.92
C HIS D 84 -26.92 -11.38 -10.74
N ARG D 85 -27.31 -11.20 -9.47
CA ARG D 85 -28.60 -10.59 -9.14
C ARG D 85 -28.53 -9.31 -8.30
N LYS D 86 -27.38 -9.02 -7.72
CA LYS D 86 -27.22 -7.83 -6.89
C LYS D 86 -27.73 -6.56 -7.60
N ALA D 87 -27.30 -6.38 -8.85
CA ALA D 87 -27.69 -5.23 -9.65
C ALA D 87 -29.20 -5.18 -9.82
N ALA D 88 -29.80 -6.31 -10.18
CA ALA D 88 -31.24 -6.38 -10.39
C ALA D 88 -32.00 -6.03 -9.11
N LEU D 89 -31.48 -6.48 -7.96
CA LEU D 89 -32.11 -6.20 -6.68
C LEU D 89 -32.00 -4.71 -6.34
N GLU D 90 -30.85 -4.12 -6.66
CA GLU D 90 -30.63 -2.71 -6.39
C GLU D 90 -31.67 -1.89 -7.12
N GLN D 91 -31.92 -2.24 -8.38
CA GLN D 91 -32.91 -1.56 -9.20
C GLN D 91 -34.29 -1.68 -8.55
N ASP D 92 -34.57 -2.86 -7.99
CA ASP D 92 -35.84 -3.14 -7.34
C ASP D 92 -36.04 -2.41 -6.00
N LEU D 93 -35.06 -2.53 -5.10
CA LEU D 93 -35.14 -1.89 -3.79
C LEU D 93 -35.19 -0.37 -3.89
N ALA D 94 -34.65 0.18 -4.97
CA ALA D 94 -34.68 1.62 -5.19
C ALA D 94 -36.14 1.96 -5.48
N PHE D 95 -36.83 1.02 -6.12
CA PHE D 95 -38.24 1.20 -6.45
C PHE D 95 -39.17 0.99 -5.25
N TRP D 96 -38.87 -0.01 -4.42
CA TRP D 96 -39.71 -0.31 -3.27
C TRP D 96 -39.44 0.53 -2.03
N TYR D 97 -38.21 0.99 -1.86
CA TYR D 97 -37.85 1.80 -0.71
C TYR D 97 -37.41 3.21 -1.08
N GLY D 98 -37.47 3.55 -2.36
CA GLY D 98 -37.08 4.87 -2.79
C GLY D 98 -35.58 5.10 -2.84
N PRO D 99 -35.14 6.28 -3.30
CA PRO D 99 -33.74 6.71 -3.43
C PRO D 99 -32.77 6.33 -2.32
N ARG D 100 -33.15 6.52 -1.06
CA ARG D 100 -32.27 6.16 0.04
C ARG D 100 -32.62 4.81 0.66
N TRP D 101 -32.96 3.85 -0.20
CA TRP D 101 -33.30 2.50 0.23
C TRP D 101 -32.20 1.87 1.07
N GLN D 102 -30.95 2.07 0.67
CA GLN D 102 -29.81 1.51 1.38
C GLN D 102 -29.77 1.89 2.85
N GLU D 103 -30.25 3.08 3.17
CA GLU D 103 -30.25 3.54 4.54
C GLU D 103 -31.53 3.21 5.28
N VAL D 104 -32.54 2.72 4.57
CA VAL D 104 -33.82 2.40 5.19
C VAL D 104 -34.17 0.92 5.32
N ILE D 105 -33.83 0.11 4.31
CA ILE D 105 -34.15 -1.32 4.36
C ILE D 105 -33.75 -2.01 5.66
N PRO D 106 -34.58 -2.98 6.10
CA PRO D 106 -34.37 -3.74 7.33
C PRO D 106 -33.26 -4.78 7.24
N TYR D 107 -32.47 -4.92 8.29
CA TYR D 107 -31.40 -5.90 8.36
C TYR D 107 -31.58 -6.72 9.63
N THR D 108 -32.52 -7.66 9.57
CA THR D 108 -32.84 -8.52 10.70
C THR D 108 -31.71 -9.48 11.08
N PRO D 109 -31.70 -9.93 12.35
CA PRO D 109 -30.68 -10.86 12.85
C PRO D 109 -30.66 -12.20 12.11
N ALA D 110 -31.81 -12.60 11.55
CA ALA D 110 -31.89 -13.85 10.80
C ALA D 110 -31.15 -13.61 9.50
N MET D 111 -31.38 -12.43 8.92
CA MET D 111 -30.73 -12.04 7.68
C MET D 111 -29.22 -11.94 7.95
N GLN D 112 -28.87 -11.51 9.15
CA GLN D 112 -27.46 -11.37 9.53
C GLN D 112 -26.79 -12.72 9.67
N ARG D 113 -27.52 -13.71 10.19
CA ARG D 113 -26.98 -15.05 10.36
C ARG D 113 -26.65 -15.62 8.99
N TYR D 114 -27.65 -15.59 8.11
CA TYR D 114 -27.48 -16.09 6.75
C TYR D 114 -26.25 -15.45 6.13
N VAL D 115 -26.11 -14.14 6.32
CA VAL D 115 -24.98 -13.37 5.79
C VAL D 115 -23.66 -13.71 6.47
N LYS D 116 -23.71 -13.96 7.77
CA LYS D 116 -22.51 -14.29 8.53
C LYS D 116 -21.96 -15.65 8.08
N ARG D 117 -22.86 -16.57 7.74
CA ARG D 117 -22.43 -17.87 7.29
C ARG D 117 -21.71 -17.72 5.95
N LEU D 118 -22.37 -17.04 5.03
CA LEU D 118 -21.82 -16.80 3.70
C LEU D 118 -20.37 -16.32 3.75
N HIS D 119 -20.09 -15.36 4.62
CA HIS D 119 -18.73 -14.84 4.74
C HIS D 119 -17.80 -15.85 5.40
N GLU D 120 -18.35 -16.68 6.28
CA GLU D 120 -17.52 -17.70 6.93
C GLU D 120 -17.11 -18.66 5.82
N VAL D 121 -18.10 -19.20 5.13
CA VAL D 121 -17.85 -20.14 4.04
C VAL D 121 -16.86 -19.51 3.05
N GLY D 122 -17.28 -18.41 2.44
CA GLY D 122 -16.45 -17.74 1.46
C GLY D 122 -15.03 -17.44 1.91
N ARG D 123 -14.85 -17.09 3.17
CA ARG D 123 -13.51 -16.76 3.66
C ARG D 123 -12.69 -17.90 4.26
N THR D 124 -13.34 -18.93 4.79
CA THR D 124 -12.57 -20.02 5.40
C THR D 124 -12.73 -21.40 4.76
N GLU D 125 -13.82 -21.62 4.05
CA GLU D 125 -14.06 -22.89 3.38
C GLU D 125 -14.86 -22.68 2.07
N PRO D 126 -14.23 -22.02 1.09
CA PRO D 126 -14.78 -21.70 -0.23
C PRO D 126 -15.22 -22.91 -1.03
N GLU D 127 -14.73 -24.08 -0.66
CA GLU D 127 -15.09 -25.31 -1.36
C GLU D 127 -16.56 -25.59 -1.12
N LEU D 128 -17.13 -24.94 -0.11
CA LEU D 128 -18.54 -25.14 0.20
C LEU D 128 -19.44 -24.07 -0.43
N LEU D 129 -18.84 -23.00 -0.94
CA LEU D 129 -19.64 -21.94 -1.54
C LEU D 129 -20.51 -22.47 -2.67
N VAL D 130 -20.03 -23.50 -3.36
CA VAL D 130 -20.80 -24.08 -4.46
C VAL D 130 -22.12 -24.59 -3.91
N ALA D 131 -22.16 -24.87 -2.62
CA ALA D 131 -23.39 -25.36 -2.00
C ALA D 131 -24.49 -24.30 -2.10
N HIS D 132 -24.15 -23.07 -1.67
CA HIS D 132 -25.10 -21.98 -1.72
C HIS D 132 -25.39 -21.47 -3.14
N ALA D 133 -24.34 -21.24 -3.92
CA ALA D 133 -24.51 -20.76 -5.29
C ALA D 133 -25.50 -21.64 -6.04
N TYR D 134 -25.28 -22.95 -5.95
CA TYR D 134 -26.15 -23.90 -6.63
C TYR D 134 -27.60 -23.84 -6.18
N THR D 135 -27.82 -23.92 -4.87
CA THR D 135 -29.16 -23.90 -4.33
C THR D 135 -29.87 -22.55 -4.55
N ARG D 136 -29.13 -21.46 -4.40
CA ARG D 136 -29.69 -20.12 -4.58
C ARG D 136 -30.04 -19.75 -6.03
N TYR D 137 -29.02 -19.63 -6.88
CA TYR D 137 -29.24 -19.26 -8.28
C TYR D 137 -30.21 -20.14 -9.03
N LEU D 138 -29.92 -21.43 -9.09
CA LEU D 138 -30.79 -22.34 -9.82
C LEU D 138 -32.15 -22.39 -9.14
N GLY D 139 -32.13 -22.37 -7.80
CA GLY D 139 -33.39 -22.38 -7.07
C GLY D 139 -34.22 -21.18 -7.48
N ASP D 140 -33.71 -19.98 -7.20
CA ASP D 140 -34.41 -18.75 -7.55
C ASP D 140 -34.71 -18.65 -9.06
N LEU D 141 -33.83 -19.16 -9.90
CA LEU D 141 -34.02 -19.14 -11.36
C LEU D 141 -35.17 -20.02 -11.85
N SER D 142 -35.40 -21.14 -11.17
CA SER D 142 -36.45 -22.07 -11.54
C SER D 142 -37.85 -21.57 -11.16
N GLY D 143 -37.99 -21.15 -9.91
CA GLY D 143 -39.28 -20.67 -9.43
C GLY D 143 -39.53 -19.19 -9.64
N GLY D 144 -38.47 -18.44 -9.94
CA GLY D 144 -38.59 -17.00 -10.14
C GLY D 144 -39.87 -16.55 -10.84
N GLN D 145 -40.07 -16.99 -12.07
CA GLN D 145 -41.25 -16.59 -12.84
C GLN D 145 -42.59 -16.79 -12.12
N VAL D 146 -42.88 -18.01 -11.69
CA VAL D 146 -44.14 -18.28 -11.00
C VAL D 146 -44.38 -17.26 -9.90
N LEU D 147 -43.34 -16.98 -9.12
CA LEU D 147 -43.42 -16.02 -8.02
C LEU D 147 -43.63 -14.60 -8.52
N LYS D 148 -43.11 -14.32 -9.71
CA LYS D 148 -43.21 -13.01 -10.33
C LYS D 148 -44.68 -12.62 -10.50
N LYS D 149 -45.48 -13.55 -10.99
CA LYS D 149 -46.91 -13.31 -11.21
C LYS D 149 -47.67 -13.20 -9.88
N ILE D 150 -47.27 -14.01 -8.92
CA ILE D 150 -47.89 -14.00 -7.60
C ILE D 150 -47.59 -12.67 -6.91
N ALA D 151 -46.53 -12.01 -7.36
CA ALA D 151 -46.13 -10.73 -6.78
C ALA D 151 -46.86 -9.57 -7.43
N GLN D 152 -46.90 -9.57 -8.76
CA GLN D 152 -47.57 -8.49 -9.48
C GLN D 152 -49.08 -8.54 -9.28
N LYS D 153 -49.67 -9.70 -9.55
CA LYS D 153 -51.10 -9.86 -9.38
C LYS D 153 -51.42 -10.12 -7.92
N ALA D 154 -50.99 -9.20 -7.05
CA ALA D 154 -51.24 -9.33 -5.61
C ALA D 154 -50.84 -8.08 -4.85
N LEU D 155 -49.76 -7.44 -5.27
CA LEU D 155 -49.28 -6.24 -4.61
C LEU D 155 -49.72 -4.95 -5.30
N ASP D 156 -50.33 -5.08 -6.47
CA ASP D 156 -50.81 -3.92 -7.22
C ASP D 156 -49.83 -2.76 -7.12
N LEU D 157 -48.82 -2.78 -7.96
CA LEU D 157 -47.81 -1.73 -7.96
C LEU D 157 -47.94 -0.78 -9.16
N PRO D 158 -47.54 0.49 -8.97
CA PRO D 158 -47.63 1.46 -10.06
C PRO D 158 -46.80 0.96 -11.24
N SER D 159 -47.44 0.77 -12.39
CA SER D 159 -46.78 0.27 -13.60
C SER D 159 -45.68 1.23 -14.06
N SER D 160 -44.75 1.49 -13.15
CA SER D 160 -43.61 2.36 -13.43
C SER D 160 -42.47 1.51 -13.99
N GLY D 161 -42.83 0.36 -14.55
CA GLY D 161 -41.87 -0.55 -15.13
C GLY D 161 -40.66 -0.90 -14.27
N GLU D 162 -40.88 -1.05 -12.96
CA GLU D 162 -39.80 -1.36 -12.04
C GLU D 162 -40.26 -2.17 -10.82
N GLY D 163 -39.34 -2.88 -10.19
CA GLY D 163 -39.68 -3.66 -9.02
C GLY D 163 -39.56 -5.17 -9.08
N LEU D 164 -39.65 -5.75 -10.27
CA LEU D 164 -39.56 -7.20 -10.42
C LEU D 164 -38.45 -7.66 -11.38
N ALA D 165 -37.32 -6.94 -11.37
CA ALA D 165 -36.21 -7.29 -12.24
C ALA D 165 -35.51 -8.56 -11.76
N PHE D 166 -35.43 -8.72 -10.43
CA PHE D 166 -34.80 -9.88 -9.82
C PHE D 166 -35.29 -11.19 -10.41
N PHE D 167 -36.59 -11.25 -10.70
CA PHE D 167 -37.22 -12.45 -11.22
C PHE D 167 -36.85 -12.75 -12.66
N THR D 168 -36.13 -11.83 -13.29
CA THR D 168 -35.72 -12.04 -14.67
C THR D 168 -34.20 -12.07 -14.84
N PHE D 169 -33.70 -13.19 -15.37
CA PHE D 169 -32.28 -13.38 -15.64
C PHE D 169 -32.17 -13.13 -17.14
N PRO D 170 -31.96 -11.87 -17.55
CA PRO D 170 -31.87 -11.52 -18.96
C PRO D 170 -30.73 -12.16 -19.75
N ASN D 171 -29.68 -12.60 -19.06
CA ASN D 171 -28.56 -13.18 -19.78
C ASN D 171 -28.64 -14.71 -19.97
N ILE D 172 -29.78 -15.28 -19.60
CA ILE D 172 -30.01 -16.70 -19.78
C ILE D 172 -31.25 -16.88 -20.65
N ALA D 173 -31.04 -17.26 -21.90
CA ALA D 173 -32.13 -17.47 -22.85
C ALA D 173 -32.91 -18.75 -22.55
N SER D 174 -32.21 -19.87 -22.50
CA SER D 174 -32.84 -21.15 -22.21
C SER D 174 -32.45 -21.60 -20.80
N ALA D 175 -33.39 -21.51 -19.87
CA ALA D 175 -33.13 -21.88 -18.49
C ALA D 175 -32.75 -23.36 -18.35
N THR D 176 -33.40 -24.23 -19.13
CA THR D 176 -33.11 -25.66 -19.06
C THR D 176 -31.68 -25.94 -19.49
N LYS D 177 -31.28 -25.35 -20.62
CA LYS D 177 -29.93 -25.54 -21.12
C LYS D 177 -28.87 -25.00 -20.15
N PHE D 178 -29.17 -23.88 -19.49
CA PHE D 178 -28.20 -23.34 -18.55
C PHE D 178 -28.03 -24.27 -17.36
N LYS D 179 -29.15 -24.81 -16.88
CA LYS D 179 -29.13 -25.72 -15.73
C LYS D 179 -28.29 -26.97 -15.96
N GLN D 180 -28.45 -27.62 -17.11
CA GLN D 180 -27.68 -28.83 -17.37
C GLN D 180 -26.19 -28.51 -17.53
N LEU D 181 -25.89 -27.30 -18.01
CA LEU D 181 -24.51 -26.88 -18.17
C LEU D 181 -23.92 -26.60 -16.80
N TYR D 182 -24.73 -26.03 -15.92
CA TYR D 182 -24.28 -25.71 -14.58
C TYR D 182 -24.05 -26.99 -13.78
N ARG D 183 -24.90 -28.00 -14.00
CA ARG D 183 -24.75 -29.27 -13.28
C ARG D 183 -23.46 -29.93 -13.74
N SER D 184 -23.25 -29.95 -15.05
CA SER D 184 -22.06 -30.54 -15.65
C SER D 184 -20.82 -29.98 -15.01
N ARG D 185 -20.73 -28.65 -14.98
CA ARG D 185 -19.61 -27.95 -14.38
C ARG D 185 -19.47 -28.35 -12.93
N MET D 186 -20.59 -28.32 -12.21
CA MET D 186 -20.62 -28.65 -10.80
C MET D 186 -20.20 -30.09 -10.52
N ASN D 187 -20.63 -31.00 -11.38
CA ASN D 187 -20.31 -32.42 -11.20
C ASN D 187 -18.84 -32.75 -11.50
N SER D 188 -18.15 -31.87 -12.21
CA SER D 188 -16.75 -32.08 -12.54
C SER D 188 -15.86 -31.46 -11.46
N LEU D 189 -16.50 -30.78 -10.53
CA LEU D 189 -15.79 -30.13 -9.44
C LEU D 189 -15.02 -31.16 -8.61
N GLU D 190 -13.69 -31.11 -8.69
CA GLU D 190 -12.82 -32.02 -7.97
C GLU D 190 -12.78 -31.72 -6.47
N MET D 191 -12.96 -32.76 -5.65
CA MET D 191 -12.94 -32.59 -4.20
C MET D 191 -12.71 -33.88 -3.43
N THR D 192 -12.12 -33.74 -2.24
CA THR D 192 -11.84 -34.87 -1.38
C THR D 192 -13.17 -35.42 -0.83
N PRO D 193 -13.14 -36.61 -0.23
CA PRO D 193 -14.38 -37.19 0.31
C PRO D 193 -14.97 -36.34 1.44
N ALA D 194 -14.12 -35.93 2.37
CA ALA D 194 -14.59 -35.12 3.50
C ALA D 194 -15.26 -33.84 3.00
N VAL D 195 -14.70 -33.27 1.95
CA VAL D 195 -15.25 -32.04 1.38
C VAL D 195 -16.59 -32.30 0.74
N ARG D 196 -16.67 -33.31 -0.13
CA ARG D 196 -17.94 -33.61 -0.79
C ARG D 196 -19.04 -33.76 0.26
N GLN D 197 -18.75 -34.50 1.33
CA GLN D 197 -19.74 -34.71 2.38
C GLN D 197 -20.04 -33.40 3.11
N ARG D 198 -19.06 -32.51 3.18
CA ARG D 198 -19.24 -31.23 3.85
C ARG D 198 -20.03 -30.30 2.94
N VAL D 199 -19.94 -30.54 1.63
CA VAL D 199 -20.66 -29.74 0.64
C VAL D 199 -22.14 -30.08 0.71
N ILE D 200 -22.44 -31.37 0.81
CA ILE D 200 -23.81 -31.83 0.89
C ILE D 200 -24.42 -31.32 2.18
N GLU D 201 -23.62 -31.33 3.24
CA GLU D 201 -24.10 -30.87 4.53
C GLU D 201 -24.36 -29.36 4.43
N GLU D 202 -23.40 -28.63 3.86
CA GLU D 202 -23.54 -27.18 3.71
C GLU D 202 -24.79 -26.86 2.89
N ALA D 203 -25.14 -27.74 1.95
CA ALA D 203 -26.31 -27.54 1.12
C ALA D 203 -27.53 -27.55 2.03
N LYS D 204 -27.49 -28.40 3.05
CA LYS D 204 -28.58 -28.51 4.01
C LYS D 204 -28.66 -27.24 4.83
N THR D 205 -27.50 -26.70 5.18
CA THR D 205 -27.43 -25.48 5.96
C THR D 205 -28.10 -24.32 5.22
N ALA D 206 -27.92 -24.29 3.90
CA ALA D 206 -28.51 -23.25 3.07
C ALA D 206 -30.03 -23.23 3.22
N PHE D 207 -30.64 -24.40 3.21
CA PHE D 207 -32.09 -24.46 3.36
C PHE D 207 -32.51 -24.10 4.79
N LEU D 208 -31.72 -24.52 5.76
CA LEU D 208 -32.04 -24.19 7.15
C LEU D 208 -31.96 -22.70 7.39
N LEU D 209 -31.03 -22.02 6.71
CA LEU D 209 -30.87 -20.58 6.86
C LEU D 209 -32.13 -19.85 6.39
N ASN D 210 -32.70 -20.32 5.28
CA ASN D 210 -33.91 -19.72 4.75
C ASN D 210 -35.07 -20.00 5.68
N ILE D 211 -35.18 -21.26 6.10
CA ILE D 211 -36.24 -21.68 7.03
C ILE D 211 -36.31 -20.68 8.17
N GLN D 212 -35.20 -20.53 8.88
CA GLN D 212 -35.14 -19.60 10.01
C GLN D 212 -35.49 -18.19 9.54
N LEU D 213 -34.96 -17.78 8.40
CA LEU D 213 -35.23 -16.46 7.85
C LEU D 213 -36.74 -16.23 7.74
N PHE D 214 -37.43 -17.16 7.08
CA PHE D 214 -38.87 -17.08 6.90
C PHE D 214 -39.58 -16.98 8.24
N GLU D 215 -39.18 -17.83 9.17
CA GLU D 215 -39.80 -17.83 10.50
C GLU D 215 -39.68 -16.43 11.13
N GLU D 216 -38.47 -15.88 11.09
CA GLU D 216 -38.23 -14.56 11.66
C GLU D 216 -39.08 -13.49 11.00
N LEU D 217 -39.17 -13.54 9.67
CA LEU D 217 -39.95 -12.55 8.93
C LEU D 217 -41.42 -12.61 9.32
N GLN D 218 -41.88 -13.78 9.73
CA GLN D 218 -43.27 -13.94 10.13
C GLN D 218 -43.51 -13.29 11.48
N GLU D 219 -42.53 -13.41 12.39
CA GLU D 219 -42.62 -12.82 13.72
C GLU D 219 -42.85 -11.31 13.55
N LEU D 220 -42.31 -10.77 12.46
CA LEU D 220 -42.44 -9.35 12.15
C LEU D 220 -43.77 -9.04 11.47
N LEU D 221 -44.20 -9.92 10.56
CA LEU D 221 -45.45 -9.73 9.84
C LEU D 221 -46.70 -10.10 10.64
N THR D 222 -46.55 -10.99 11.60
CA THR D 222 -47.69 -11.41 12.42
C THR D 222 -48.16 -10.25 13.28
N HIS D 223 -47.26 -9.74 14.12
CA HIS D 223 -47.57 -8.62 15.00
C HIS D 223 -47.54 -7.32 14.17
#